data_8VET
#
_entry.id   8VET
#
_cell.length_a   103.190
_cell.length_b   137.030
_cell.length_c   178.880
_cell.angle_alpha   90.00
_cell.angle_beta   90.00
_cell.angle_gamma   90.00
#
_symmetry.space_group_name_H-M   'I 2 2 2'
#
loop_
_entity.id
_entity.type
_entity.pdbx_description
1 polymer 'Protein arginine N-methyltransferase 5'
2 polymer 'Methylosome protein 50'
3 non-polymer "5'-DEOXY-5'-METHYLTHIOADENOSINE"
4 non-polymer N-(5-methylpyridin-3-yl)-2-[(2R)-2-(1-methyl-1H-pyrrol-2-yl)piperidin-1-yl]-2-oxoacetamide
5 non-polymer 1,2-ETHANEDIOL
6 non-polymer 'CHLORIDE ION'
7 water water
#
loop_
_entity_poly.entity_id
_entity_poly.type
_entity_poly.pdbx_seq_one_letter_code
_entity_poly.pdbx_strand_id
1 'polypeptide(L)'
;MDYKDDDDKAAMAVGGAGGSRVSSGRDLNCVPEIADTLGAVAKQGFDFLCMPVFHPRFKREFIQEPAKNRPGPQTRSDLL
LSGRDWNTLIVGKLSPWIRPDSKVEKIRRNSEAAMLQELNFGAYLGLPAFLLPLNQEDNTNLARVLTNHIHTGHHSSMFW
MRVPLVAPEDLRDDIIENAPTTHTEEYSGEEKTWMWWHNFRTLCDYSKRIAVALEIGADLPSNHVIDRWLGEPIKAAILP
TSIFLTNKKGFPVLSKMHQRLIFRLLKLEVQFIITGTNHHSEKEFCSYLQYLEYLSQNRPPPNAYELFAKGYEDYLQSPL
QPLMDNLESQTYEVFEKDPIKYSQYQQAIYKCLLDRVPEEEKDTNVQVLMVLGAGRGPLVNASLRAAKQADRRIKLYAVE
KNPNAVVTLENWQFEEWGSQVTVVSSDMREWVAPEKADIIVSELLGSFADNELSPECLDGAQHFLKDDGVSIPGEYTSFL
APISSSKLYNEVRACREKDRDPEAQFEMPYVVRLHNFHQLSAPQPCFTFSHPNRDPMIDNNRYCTLEFPVEVNTVLHGFA
GYFETVLYQDITLSIRPETHSPGMFSWFPILFPIKQPITVREGQTICVRFWRCSNSKKVWYEWAVTAPVCSAIHNPTGRS
YTIGL
;
A
2 'polypeptide(L)'
;MHHHHHHHHRKETPPPLVPPAAREWNLPPNAPACMERQLEAARYRSDGALLLGASSLSGRCWAGSLWLFKDPCAAPNEGF
CSAGVQTEAGVADLTWVGERGILVASDSGAVELWELDENETLIVSKFCKYEHDDIVSTVSVLSSGTQAVSGSKDICIKVW
DLAQQVVLSSYRAHAAQVTCVAASPHKDSVFLSCSEDNRILLWDTRCPKPASQIGCSAPGYLPTSLAWHPQQSEVFVFGD
ENGTVSLVDTKSTSCVLSSAVHSQCVTGLVFSPHSVPFLASLSEDCSLAVLDSSLSELFRSQAHRDFVRDATWSPLNHSL
LTTVGWDHQVVHHVVPTEPLPAPGPASVTE
;
B
#
# COMPACT_ATOMS: atom_id res chain seq x y z
N ARG A 21 20.43 5.14 3.13
CA ARG A 21 19.26 5.92 3.65
C ARG A 21 18.02 5.55 2.82
N VAL A 22 16.95 6.35 2.95
CA VAL A 22 15.58 6.03 2.44
C VAL A 22 15.55 6.20 0.92
N SER A 23 14.71 5.42 0.23
CA SER A 23 14.19 5.72 -1.13
C SER A 23 12.78 6.28 -1.00
N SER A 24 12.55 7.49 -1.50
CA SER A 24 11.29 8.26 -1.31
C SER A 24 10.91 9.02 -2.58
N GLY A 25 9.61 9.24 -2.79
CA GLY A 25 9.05 9.94 -3.96
C GLY A 25 7.99 10.95 -3.57
N ARG A 26 7.64 11.86 -4.48
CA ARG A 26 6.66 12.96 -4.28
C ARG A 26 5.38 12.66 -5.06
N ASP A 27 4.22 12.79 -4.43
CA ASP A 27 2.88 12.65 -5.05
C ASP A 27 2.31 14.04 -5.31
N LEU A 28 2.05 14.36 -6.58
CA LEU A 28 1.35 15.60 -7.03
C LEU A 28 0.12 15.19 -7.85
N ASN A 29 -0.97 15.94 -7.74
CA ASN A 29 -2.18 15.78 -8.60
C ASN A 29 -2.31 17.03 -9.49
N CYS A 30 -1.21 17.78 -9.65
CA CYS A 30 -1.08 18.97 -10.53
C CYS A 30 0.36 19.06 -11.05
N VAL A 31 0.54 19.03 -12.37
CA VAL A 31 1.85 19.17 -13.06
C VAL A 31 1.63 20.02 -14.32
N PRO A 32 1.91 21.34 -14.27
CA PRO A 32 1.69 22.23 -15.42
C PRO A 32 2.66 21.93 -16.57
N GLU A 33 3.96 21.84 -16.26
CA GLU A 33 5.00 21.43 -17.25
C GLU A 33 5.86 20.32 -16.64
N ILE A 34 5.68 19.10 -17.15
CA ILE A 34 6.31 17.83 -16.69
C ILE A 34 7.83 18.00 -16.57
N ALA A 35 8.44 18.78 -17.48
CA ALA A 35 9.87 19.14 -17.50
C ALA A 35 10.28 19.82 -16.18
N ASP A 36 9.70 20.99 -15.89
CA ASP A 36 10.11 21.90 -14.79
C ASP A 36 9.78 21.27 -13.44
N THR A 37 8.60 20.65 -13.33
CA THR A 37 8.08 19.96 -12.11
C THR A 37 9.10 18.91 -11.67
N LEU A 38 9.43 17.97 -12.57
CA LEU A 38 10.39 16.86 -12.31
C LEU A 38 11.74 17.42 -11.87
N GLY A 39 12.14 18.58 -12.43
CA GLY A 39 13.35 19.31 -12.03
C GLY A 39 13.30 19.73 -10.58
N ALA A 40 12.18 20.34 -10.16
CA ALA A 40 11.93 20.82 -8.78
C ALA A 40 12.07 19.67 -7.77
N VAL A 41 11.43 18.53 -8.03
CA VAL A 41 11.31 17.41 -7.04
C VAL A 41 12.65 16.66 -6.96
N ALA A 42 13.41 16.56 -8.05
CA ALA A 42 14.80 16.06 -8.06
C ALA A 42 15.64 16.98 -7.17
N LYS A 43 15.48 18.29 -7.36
CA LYS A 43 16.18 19.38 -6.61
C LYS A 43 15.83 19.28 -5.12
N GLN A 44 14.55 19.08 -4.79
CA GLN A 44 14.06 18.94 -3.39
C GLN A 44 14.75 17.75 -2.71
N GLY A 45 14.99 16.65 -3.44
CA GLY A 45 15.72 15.47 -2.94
C GLY A 45 14.98 14.15 -3.16
N PHE A 46 13.91 14.16 -3.96
CA PHE A 46 13.05 12.98 -4.23
C PHE A 46 13.71 12.08 -5.27
N ASP A 47 13.39 10.77 -5.23
CA ASP A 47 13.95 9.72 -6.15
C ASP A 47 13.02 9.54 -7.36
N PHE A 48 11.72 9.79 -7.20
CA PHE A 48 10.68 9.61 -8.26
C PHE A 48 9.48 10.52 -7.97
N LEU A 49 8.51 10.52 -8.89
CA LEU A 49 7.32 11.42 -8.88
C LEU A 49 6.08 10.63 -9.29
N CYS A 50 5.02 10.67 -8.46
CA CYS A 50 3.67 10.14 -8.78
C CYS A 50 2.82 11.28 -9.34
N MET A 51 2.44 11.21 -10.61
CA MET A 51 1.70 12.27 -11.33
C MET A 51 0.70 11.63 -12.29
N PRO A 52 -0.38 12.36 -12.68
CA PRO A 52 -1.35 11.82 -13.62
C PRO A 52 -0.76 11.81 -15.04
N VAL A 53 -1.16 10.82 -15.87
CA VAL A 53 -0.66 10.65 -17.26
C VAL A 53 -1.66 11.29 -18.24
N PHE A 54 -2.90 11.49 -17.78
CA PHE A 54 -3.91 12.41 -18.38
C PHE A 54 -4.32 13.41 -17.30
N HIS A 55 -4.69 14.64 -17.69
CA HIS A 55 -5.12 15.70 -16.74
C HIS A 55 -6.27 15.19 -15.88
N PRO A 56 -6.13 15.22 -14.53
CA PRO A 56 -7.13 14.69 -13.61
C PRO A 56 -8.58 15.09 -13.90
N ARG A 57 -8.81 16.31 -14.38
CA ARG A 57 -10.15 16.90 -14.62
C ARG A 57 -10.60 16.70 -16.08
N PHE A 58 -9.81 16.01 -16.91
CA PHE A 58 -10.09 15.85 -18.36
C PHE A 58 -10.91 14.57 -18.58
N LYS A 59 -12.15 14.57 -18.10
CA LYS A 59 -13.15 13.49 -18.30
C LYS A 59 -13.34 13.31 -19.81
N ARG A 60 -13.49 12.06 -20.26
CA ARG A 60 -13.57 11.69 -21.70
C ARG A 60 -14.75 10.73 -21.91
N GLU A 61 -15.48 10.91 -23.02
CA GLU A 61 -16.64 10.08 -23.43
C GLU A 61 -16.17 9.19 -24.60
N PHE A 62 -16.69 7.95 -24.67
CA PHE A 62 -16.23 6.90 -25.61
C PHE A 62 -17.39 6.35 -26.48
N ILE A 63 -18.66 6.65 -26.16
CA ILE A 63 -19.84 5.97 -26.79
C ILE A 63 -20.84 6.99 -27.36
N GLN A 64 -21.30 7.97 -26.59
CA GLN A 64 -22.36 8.96 -27.01
C GLN A 64 -21.70 10.16 -27.70
N GLU A 65 -22.19 10.51 -28.90
CA GLU A 65 -21.78 11.73 -29.66
C GLU A 65 -22.54 12.92 -29.07
N PRO A 66 -21.96 14.16 -29.08
CA PRO A 66 -20.70 14.46 -29.76
C PRO A 66 -19.39 14.34 -28.98
N ALA A 67 -19.41 14.44 -27.64
CA ALA A 67 -18.22 14.50 -26.76
C ALA A 67 -17.18 13.44 -27.16
N LYS A 68 -17.67 12.24 -27.50
CA LYS A 68 -16.92 11.12 -28.15
C LYS A 68 -15.83 11.67 -29.09
N ASN A 69 -16.21 12.54 -30.02
CA ASN A 69 -15.35 12.98 -31.17
C ASN A 69 -14.53 14.22 -30.82
N ARG A 70 -14.28 14.47 -29.52
CA ARG A 70 -13.43 15.61 -29.07
C ARG A 70 -12.10 15.54 -29.82
N PRO A 71 -11.76 16.58 -30.63
CA PRO A 71 -10.39 16.74 -31.13
C PRO A 71 -9.31 16.49 -30.06
N GLY A 72 -8.28 15.69 -30.42
CA GLY A 72 -7.09 15.44 -29.58
C GLY A 72 -6.08 16.57 -29.71
N PRO A 73 -4.87 16.47 -29.11
CA PRO A 73 -4.42 15.29 -28.37
C PRO A 73 -5.19 15.01 -27.07
N GLN A 74 -5.19 13.75 -26.62
CA GLN A 74 -5.89 13.30 -25.38
C GLN A 74 -5.03 13.63 -24.15
N THR A 75 -3.71 13.61 -24.29
CA THR A 75 -2.75 14.03 -23.22
C THR A 75 -1.43 14.50 -23.84
N ARG A 76 -0.44 14.80 -23.00
CA ARG A 76 0.87 15.37 -23.40
C ARG A 76 1.75 14.27 -24.00
N SER A 77 2.79 14.66 -24.75
CA SER A 77 3.64 13.78 -25.59
C SER A 77 4.61 12.96 -24.71
N ASP A 78 4.86 11.72 -25.11
CA ASP A 78 5.88 10.81 -24.53
C ASP A 78 7.30 11.34 -24.81
N LEU A 79 7.45 12.26 -25.77
CA LEU A 79 8.77 12.83 -26.15
C LEU A 79 9.28 13.82 -25.09
N LEU A 80 8.42 14.24 -24.15
CA LEU A 80 8.74 15.27 -23.13
C LEU A 80 9.79 14.74 -22.14
N LEU A 81 9.91 13.42 -21.98
CA LEU A 81 10.98 12.77 -21.18
C LEU A 81 11.70 11.71 -22.01
N SER A 82 12.93 11.40 -21.63
CA SER A 82 13.71 10.24 -22.11
C SER A 82 13.00 8.95 -21.67
N GLY A 83 13.00 7.92 -22.53
CA GLY A 83 12.61 6.54 -22.17
C GLY A 83 13.18 6.14 -20.83
N ARG A 84 14.45 6.51 -20.57
CA ARG A 84 15.16 6.24 -19.28
C ARG A 84 14.36 6.85 -18.12
N ASP A 85 13.97 8.13 -18.23
CA ASP A 85 13.23 8.87 -17.17
C ASP A 85 11.90 8.19 -16.90
N TRP A 86 11.11 7.93 -17.95
CA TRP A 86 9.80 7.22 -17.89
C TRP A 86 9.95 5.91 -17.13
N ASN A 87 10.95 5.10 -17.48
CA ASN A 87 11.19 3.74 -16.92
C ASN A 87 11.51 3.82 -15.43
N THR A 88 12.11 4.92 -14.96
CA THR A 88 12.74 5.02 -13.62
C THR A 88 12.02 6.03 -12.72
N LEU A 89 11.67 7.21 -13.23
CA LEU A 89 11.36 8.40 -12.40
C LEU A 89 9.85 8.62 -12.24
N ILE A 90 9.00 8.03 -13.09
CA ILE A 90 7.55 8.37 -13.14
C ILE A 90 6.70 7.18 -12.72
N VAL A 91 5.87 7.37 -11.69
CA VAL A 91 4.74 6.48 -11.30
C VAL A 91 3.45 7.13 -11.79
N GLY A 92 2.69 6.43 -12.64
CA GLY A 92 1.37 6.88 -13.11
C GLY A 92 0.33 6.82 -12.00
N LYS A 93 -0.70 7.67 -12.09
CA LYS A 93 -1.89 7.65 -11.22
C LYS A 93 -3.14 7.54 -12.12
N LEU A 94 -4.09 6.68 -11.77
CA LEU A 94 -5.42 6.62 -12.42
C LEU A 94 -6.13 7.96 -12.15
N SER A 95 -6.80 8.53 -13.15
CA SER A 95 -7.56 9.79 -13.04
C SER A 95 -8.75 9.57 -12.11
N PRO A 96 -8.97 10.45 -11.11
CA PRO A 96 -9.90 10.16 -10.01
C PRO A 96 -11.40 10.18 -10.37
N TRP A 97 -11.74 10.57 -11.61
CA TRP A 97 -13.13 10.51 -12.15
C TRP A 97 -13.47 9.09 -12.61
N ILE A 98 -12.46 8.24 -12.83
CA ILE A 98 -12.63 6.85 -13.34
C ILE A 98 -13.16 5.99 -12.19
N ARG A 99 -14.44 5.61 -12.27
CA ARG A 99 -15.15 4.81 -11.24
C ARG A 99 -15.74 3.57 -11.91
N PRO A 100 -14.94 2.50 -12.10
CA PRO A 100 -15.40 1.25 -12.69
C PRO A 100 -16.56 0.57 -11.94
N ASP A 101 -16.76 0.89 -10.65
CA ASP A 101 -17.81 0.26 -9.82
C ASP A 101 -18.91 1.28 -9.49
N SER A 102 -19.13 2.27 -10.38
CA SER A 102 -20.32 3.15 -10.35
C SER A 102 -21.58 2.30 -10.47
N LYS A 103 -22.67 2.73 -9.84
CA LYS A 103 -24.02 2.11 -9.94
C LYS A 103 -24.71 2.62 -11.21
N VAL A 104 -24.14 3.62 -11.87
CA VAL A 104 -24.65 4.22 -13.14
C VAL A 104 -24.00 3.49 -14.31
N GLU A 105 -24.80 2.80 -15.13
CA GLU A 105 -24.31 1.99 -16.29
C GLU A 105 -23.36 2.83 -17.15
N LYS A 106 -23.78 4.03 -17.54
CA LYS A 106 -23.04 4.92 -18.48
C LYS A 106 -21.65 5.25 -17.92
N ILE A 107 -21.51 5.39 -16.60
CA ILE A 107 -20.24 5.81 -15.93
C ILE A 107 -19.32 4.61 -15.81
N ARG A 108 -19.87 3.45 -15.44
CA ARG A 108 -19.17 2.13 -15.47
C ARG A 108 -18.42 2.02 -16.81
N ARG A 109 -19.15 2.12 -17.92
CA ARG A 109 -18.65 1.85 -19.30
C ARG A 109 -17.55 2.85 -19.67
N ASN A 110 -17.71 4.14 -19.37
CA ASN A 110 -16.68 5.18 -19.66
C ASN A 110 -15.43 4.87 -18.82
N SER A 111 -15.61 4.55 -17.54
CA SER A 111 -14.52 4.24 -16.58
C SER A 111 -13.80 2.96 -17.02
N GLU A 112 -14.54 1.95 -17.53
CA GLU A 112 -13.96 0.71 -18.10
C GLU A 112 -12.97 1.09 -19.21
N ALA A 113 -13.42 1.87 -20.21
CA ALA A 113 -12.62 2.31 -21.38
C ALA A 113 -11.48 3.24 -20.95
N ALA A 114 -11.78 4.22 -20.09
CA ALA A 114 -10.84 5.25 -19.60
C ALA A 114 -9.69 4.61 -18.81
N MET A 115 -10.00 3.59 -18.01
CA MET A 115 -9.00 2.85 -17.18
C MET A 115 -8.04 2.09 -18.11
N LEU A 116 -8.57 1.33 -19.07
CA LEU A 116 -7.77 0.60 -20.09
C LEU A 116 -6.88 1.60 -20.83
N GLN A 117 -7.46 2.72 -21.26
CA GLN A 117 -6.74 3.82 -21.97
C GLN A 117 -5.55 4.28 -21.13
N GLU A 118 -5.76 4.56 -19.83
CA GLU A 118 -4.72 5.11 -18.92
C GLU A 118 -3.67 4.04 -18.62
N LEU A 119 -4.10 2.80 -18.35
CA LEU A 119 -3.19 1.65 -18.08
C LEU A 119 -2.38 1.35 -19.35
N ASN A 120 -3.04 1.24 -20.50
CA ASN A 120 -2.40 0.97 -21.82
C ASN A 120 -1.36 2.07 -22.13
N PHE A 121 -1.62 3.32 -21.71
CA PHE A 121 -0.67 4.45 -21.93
C PHE A 121 0.53 4.31 -20.99
N GLY A 122 0.30 3.94 -19.72
CA GLY A 122 1.37 3.67 -18.75
C GLY A 122 2.32 2.61 -19.30
N ALA A 123 1.77 1.55 -19.89
CA ALA A 123 2.49 0.45 -20.55
C ALA A 123 3.27 0.98 -21.76
N TYR A 124 2.65 1.87 -22.56
CA TYR A 124 3.27 2.51 -23.75
C TYR A 124 4.54 3.26 -23.34
N LEU A 125 4.54 3.92 -22.17
CA LEU A 125 5.68 4.73 -21.66
C LEU A 125 6.73 3.85 -20.98
N GLY A 126 6.34 2.65 -20.54
CA GLY A 126 7.22 1.74 -19.77
C GLY A 126 7.41 2.21 -18.34
N LEU A 127 6.34 2.71 -17.71
CA LEU A 127 6.36 3.18 -16.30
C LEU A 127 6.61 1.96 -15.40
N PRO A 128 7.45 2.09 -14.35
CA PRO A 128 7.77 0.97 -13.46
C PRO A 128 6.65 0.63 -12.48
N ALA A 129 5.76 1.58 -12.20
CA ALA A 129 4.62 1.43 -11.27
C ALA A 129 3.47 2.36 -11.68
N PHE A 130 2.25 2.04 -11.26
CA PHE A 130 1.00 2.78 -11.57
C PHE A 130 0.03 2.65 -10.38
N LEU A 131 -0.39 3.79 -9.81
CA LEU A 131 -1.23 3.86 -8.58
C LEU A 131 -2.70 3.69 -8.95
N LEU A 132 -3.44 2.89 -8.18
CA LEU A 132 -4.93 2.78 -8.28
C LEU A 132 -5.53 2.91 -6.87
N PRO A 133 -6.66 3.64 -6.73
CA PRO A 133 -7.35 3.74 -5.45
C PRO A 133 -8.14 2.49 -5.03
N LEU A 134 -7.93 2.05 -3.78
CA LEU A 134 -8.90 1.27 -2.98
C LEU A 134 -9.47 2.21 -1.91
N ASN A 135 -10.68 2.71 -2.11
CA ASN A 135 -11.29 3.76 -1.23
C ASN A 135 -12.79 3.52 -1.01
N GLN A 136 -13.33 2.39 -1.50
CA GLN A 136 -14.68 1.87 -1.12
C GLN A 136 -14.56 0.34 -0.93
N GLU A 137 -15.67 -0.32 -0.59
CA GLU A 137 -15.69 -1.77 -0.25
C GLU A 137 -15.75 -2.60 -1.53
N ASP A 138 -16.47 -2.13 -2.56
CA ASP A 138 -16.76 -2.91 -3.80
C ASP A 138 -15.85 -2.42 -4.93
N ASN A 139 -14.88 -3.24 -5.31
CA ASN A 139 -13.90 -2.96 -6.39
C ASN A 139 -13.85 -4.18 -7.33
N THR A 140 -15.00 -4.84 -7.50
CA THR A 140 -15.15 -6.10 -8.29
C THR A 140 -14.85 -5.80 -9.76
N ASN A 141 -15.49 -4.78 -10.34
CA ASN A 141 -15.31 -4.41 -11.77
C ASN A 141 -13.90 -3.83 -11.97
N LEU A 142 -13.34 -3.12 -10.98
CA LEU A 142 -11.96 -2.57 -11.03
C LEU A 142 -10.97 -3.74 -11.19
N ALA A 143 -11.04 -4.72 -10.28
CA ALA A 143 -10.25 -5.97 -10.31
C ALA A 143 -10.36 -6.64 -11.68
N ARG A 144 -11.59 -6.75 -12.20
CA ARG A 144 -11.89 -7.39 -13.52
C ARG A 144 -11.06 -6.73 -14.61
N VAL A 145 -11.14 -5.40 -14.69
CA VAL A 145 -10.47 -4.58 -15.74
C VAL A 145 -8.94 -4.71 -15.58
N LEU A 146 -8.41 -4.60 -14.35
CA LEU A 146 -6.95 -4.70 -14.10
C LEU A 146 -6.47 -6.11 -14.44
N THR A 147 -7.16 -7.14 -13.96
CA THR A 147 -6.85 -8.57 -14.23
C THR A 147 -6.85 -8.79 -15.75
N ASN A 148 -7.86 -8.25 -16.45
CA ASN A 148 -7.97 -8.29 -17.95
C ASN A 148 -6.75 -7.60 -18.57
N HIS A 149 -6.37 -6.40 -18.09
CA HIS A 149 -5.21 -5.60 -18.58
C HIS A 149 -3.91 -6.39 -18.37
N ILE A 150 -3.71 -6.94 -17.17
CA ILE A 150 -2.51 -7.73 -16.78
C ILE A 150 -2.32 -8.87 -17.79
N HIS A 151 -3.42 -9.44 -18.30
CA HIS A 151 -3.44 -10.57 -19.26
C HIS A 151 -3.53 -10.10 -20.72
N THR A 152 -3.29 -8.81 -21.02
CA THR A 152 -3.30 -8.26 -22.40
C THR A 152 -1.91 -7.72 -22.73
N GLY A 153 -1.35 -8.16 -23.86
CA GLY A 153 0.08 -7.97 -24.21
C GLY A 153 0.96 -8.56 -23.11
N HIS A 154 2.22 -8.12 -23.01
CA HIS A 154 3.03 -8.29 -21.77
C HIS A 154 3.92 -7.06 -21.53
N HIS A 155 3.87 -6.61 -20.29
CA HIS A 155 4.69 -5.56 -19.63
C HIS A 155 5.01 -6.18 -18.26
N SER A 156 5.82 -5.53 -17.40
CA SER A 156 6.00 -6.01 -16.01
C SER A 156 5.94 -4.84 -15.03
N SER A 157 5.36 -3.72 -15.46
CA SER A 157 4.99 -2.56 -14.62
C SER A 157 4.21 -3.05 -13.41
N MET A 158 4.46 -2.43 -12.26
CA MET A 158 3.87 -2.78 -10.94
C MET A 158 2.59 -1.97 -10.75
N PHE A 159 1.57 -2.54 -10.09
CA PHE A 159 0.31 -1.84 -9.72
C PHE A 159 0.26 -1.67 -8.21
N TRP A 160 0.47 -0.42 -7.77
CA TRP A 160 0.36 0.01 -6.35
C TRP A 160 -1.09 0.35 -6.04
N MET A 161 -1.75 -0.46 -5.22
CA MET A 161 -3.12 -0.17 -4.72
C MET A 161 -3.00 0.77 -3.51
N ARG A 162 -3.46 2.01 -3.70
CA ARG A 162 -3.53 3.05 -2.64
C ARG A 162 -4.67 2.67 -1.68
N VAL A 163 -4.33 2.22 -0.47
CA VAL A 163 -5.30 1.81 0.58
C VAL A 163 -5.00 2.62 1.84
N PRO A 164 -6.04 3.18 2.51
CA PRO A 164 -5.83 3.91 3.76
C PRO A 164 -5.79 2.97 4.96
N LEU A 165 -4.86 3.18 5.91
CA LEU A 165 -4.82 2.48 7.22
C LEU A 165 -6.21 2.54 7.86
N VAL A 166 -6.88 3.69 7.69
CA VAL A 166 -8.22 4.00 8.25
C VAL A 166 -9.09 4.57 7.13
N ALA A 167 -10.23 3.95 6.83
CA ALA A 167 -11.20 4.42 5.80
C ALA A 167 -11.47 5.90 6.03
N PRO A 168 -11.78 6.68 4.97
CA PRO A 168 -11.99 8.12 5.14
C PRO A 168 -13.24 8.40 5.99
N GLU A 169 -14.23 7.51 5.92
CA GLU A 169 -15.52 7.58 6.64
C GLU A 169 -15.31 7.46 8.16
N ASP A 170 -14.33 6.66 8.60
CA ASP A 170 -14.02 6.42 10.04
C ASP A 170 -12.94 7.41 10.52
N LEU A 171 -12.61 8.40 9.69
CA LEU A 171 -11.57 9.42 9.97
C LEU A 171 -12.18 10.83 9.95
N ARG A 172 -13.47 10.95 9.60
CA ARG A 172 -14.17 12.25 9.46
C ARG A 172 -14.29 12.93 10.84
N ASP A 173 -14.42 14.24 10.84
CA ASP A 173 -14.68 15.07 12.05
C ASP A 173 -16.13 14.84 12.48
N ASP A 174 -16.36 14.76 13.80
CA ASP A 174 -17.69 14.50 14.41
C ASP A 174 -18.47 15.81 14.44
N ILE A 175 -18.96 16.25 13.28
CA ILE A 175 -19.57 17.60 13.08
C ILE A 175 -20.85 17.53 12.24
N ILE A 176 -21.34 16.33 11.88
CA ILE A 176 -22.72 16.17 11.33
C ILE A 176 -23.64 15.86 12.52
N GLU A 177 -24.48 16.84 12.89
CA GLU A 177 -25.34 16.82 14.11
C GLU A 177 -26.23 15.57 14.10
N ASN A 178 -26.87 15.26 12.96
CA ASN A 178 -27.90 14.19 12.84
C ASN A 178 -27.24 12.85 12.43
N ALA A 179 -25.95 12.82 12.14
CA ALA A 179 -25.18 11.61 11.75
C ALA A 179 -23.87 11.57 12.53
N PRO A 180 -23.90 11.15 13.81
CA PRO A 180 -22.70 11.15 14.66
C PRO A 180 -21.80 9.93 14.40
N THR A 181 -20.55 10.00 14.87
CA THR A 181 -19.50 8.96 14.69
C THR A 181 -19.57 8.01 15.90
N THR A 182 -20.17 6.83 15.71
CA THR A 182 -20.54 5.85 16.79
C THR A 182 -19.33 5.59 17.69
N HIS A 183 -19.41 6.03 18.96
CA HIS A 183 -18.32 5.92 19.98
C HIS A 183 -18.35 4.56 20.69
N THR A 184 -18.71 3.48 19.97
CA THR A 184 -18.69 2.08 20.48
C THR A 184 -17.46 1.35 19.94
N GLU A 185 -17.11 0.23 20.55
CA GLU A 185 -16.07 -0.74 20.10
C GLU A 185 -16.61 -1.49 18.86
N GLU A 186 -15.87 -1.46 17.75
CA GLU A 186 -16.15 -2.31 16.55
C GLU A 186 -14.82 -2.89 16.05
N TYR A 187 -14.50 -4.11 16.53
CA TYR A 187 -13.21 -4.81 16.32
C TYR A 187 -12.96 -4.99 14.81
N SER A 188 -13.96 -5.51 14.09
CA SER A 188 -13.90 -5.80 12.63
C SER A 188 -14.18 -4.55 11.80
N GLY A 189 -15.11 -3.70 12.27
CA GLY A 189 -15.49 -2.43 11.59
C GLY A 189 -14.29 -1.57 11.26
N GLU A 190 -13.29 -1.52 12.14
CA GLU A 190 -12.08 -0.67 12.01
C GLU A 190 -10.93 -1.47 11.37
N GLU A 191 -11.23 -2.62 10.75
CA GLU A 191 -10.31 -3.46 9.94
C GLU A 191 -10.76 -3.51 8.48
N LYS A 192 -11.97 -3.03 8.18
CA LYS A 192 -12.65 -3.14 6.85
C LYS A 192 -11.66 -2.84 5.70
N THR A 193 -10.69 -1.96 5.95
CA THR A 193 -9.72 -1.42 4.96
C THR A 193 -8.84 -2.55 4.42
N TRP A 194 -8.48 -3.52 5.27
CA TRP A 194 -7.69 -4.73 4.89
C TRP A 194 -8.57 -5.69 4.07
N MET A 195 -9.84 -5.87 4.47
CA MET A 195 -10.83 -6.73 3.75
C MET A 195 -11.01 -6.22 2.33
N TRP A 196 -10.96 -4.89 2.15
CA TRP A 196 -11.01 -4.20 0.83
C TRP A 196 -9.87 -4.74 -0.05
N TRP A 197 -8.64 -4.67 0.48
CA TRP A 197 -7.40 -5.15 -0.16
C TRP A 197 -7.51 -6.65 -0.41
N HIS A 198 -7.70 -7.43 0.66
CA HIS A 198 -7.80 -8.92 0.65
C HIS A 198 -8.70 -9.39 -0.49
N ASN A 199 -9.92 -8.82 -0.58
CA ASN A 199 -10.93 -9.22 -1.60
C ASN A 199 -10.43 -8.87 -3.00
N PHE A 200 -9.85 -7.69 -3.19
CA PHE A 200 -9.34 -7.20 -4.49
C PHE A 200 -8.23 -8.13 -4.99
N ARG A 201 -7.24 -8.37 -4.12
CA ARG A 201 -6.06 -9.23 -4.42
C ARG A 201 -6.53 -10.65 -4.73
N THR A 202 -7.52 -11.17 -3.99
CA THR A 202 -8.11 -12.52 -4.17
C THR A 202 -8.78 -12.62 -5.55
N LEU A 203 -9.55 -11.59 -5.93
CA LEU A 203 -10.22 -11.49 -7.25
C LEU A 203 -9.18 -11.57 -8.37
N CYS A 204 -8.01 -10.94 -8.18
CA CYS A 204 -6.90 -10.88 -9.17
C CYS A 204 -5.98 -12.10 -9.06
N ASP A 205 -6.42 -13.15 -8.37
CA ASP A 205 -5.71 -14.44 -8.16
C ASP A 205 -4.26 -14.17 -7.70
N TYR A 206 -4.09 -13.25 -6.75
CA TYR A 206 -2.82 -13.00 -6.02
C TYR A 206 -1.70 -12.62 -7.00
N SER A 207 -2.02 -11.94 -8.11
CA SER A 207 -1.03 -11.45 -9.11
C SER A 207 0.18 -10.85 -8.39
N LYS A 208 1.39 -11.22 -8.81
CA LYS A 208 2.67 -10.78 -8.20
C LYS A 208 2.91 -9.30 -8.55
N ARG A 209 2.13 -8.77 -9.49
CA ARG A 209 2.28 -7.39 -10.05
C ARG A 209 1.38 -6.40 -9.30
N ILE A 210 0.61 -6.89 -8.32
CA ILE A 210 -0.34 -6.06 -7.50
C ILE A 210 0.19 -6.01 -6.06
N ALA A 211 0.54 -4.80 -5.59
CA ALA A 211 1.12 -4.53 -4.26
C ALA A 211 0.33 -3.41 -3.58
N VAL A 212 0.70 -3.05 -2.36
CA VAL A 212 -0.03 -2.03 -1.54
C VAL A 212 0.86 -0.79 -1.35
N ALA A 213 0.31 0.37 -1.70
CA ALA A 213 0.76 1.71 -1.26
C ALA A 213 -0.15 2.14 -0.10
N LEU A 214 0.33 1.96 1.13
CA LEU A 214 -0.48 2.06 2.38
C LEU A 214 -0.53 3.53 2.81
N GLU A 215 -1.73 4.11 2.86
CA GLU A 215 -1.95 5.55 3.14
C GLU A 215 -2.21 5.72 4.65
N ILE A 216 -1.41 6.58 5.28
CA ILE A 216 -1.38 6.82 6.76
C ILE A 216 -2.06 8.16 7.06
N GLY A 217 -3.01 8.18 7.99
CA GLY A 217 -3.75 9.37 8.45
C GLY A 217 -3.23 9.88 9.78
N ALA A 218 -3.78 10.99 10.28
CA ALA A 218 -3.31 11.71 11.50
C ALA A 218 -3.60 10.88 12.76
N ASP A 219 -4.70 10.13 12.78
CA ASP A 219 -5.03 9.18 13.88
C ASP A 219 -4.73 7.75 13.39
N LEU A 220 -3.65 7.16 13.88
CA LEU A 220 -3.34 5.71 13.66
C LEU A 220 -4.48 4.90 14.25
N PRO A 221 -4.76 3.70 13.70
CA PRO A 221 -5.77 2.80 14.26
C PRO A 221 -5.20 2.10 15.51
N SER A 222 -5.80 0.98 15.91
CA SER A 222 -5.31 0.09 17.00
C SER A 222 -4.25 -0.85 16.44
N ASN A 223 -3.26 -1.23 17.26
CA ASN A 223 -2.06 -2.01 16.85
C ASN A 223 -2.48 -3.22 16.01
N HIS A 224 -3.56 -3.91 16.38
CA HIS A 224 -4.03 -5.17 15.75
C HIS A 224 -4.40 -4.93 14.27
N VAL A 225 -4.87 -3.73 13.93
CA VAL A 225 -5.22 -3.32 12.53
C VAL A 225 -3.93 -3.13 11.74
N ILE A 226 -2.95 -2.43 12.31
CA ILE A 226 -1.56 -2.28 11.76
C ILE A 226 -0.92 -3.67 11.69
N ASP A 227 -1.46 -4.64 12.43
CA ASP A 227 -0.92 -6.02 12.51
C ASP A 227 -1.51 -6.89 11.38
N ARG A 228 -2.72 -6.58 10.88
CA ARG A 228 -3.26 -7.19 9.62
C ARG A 228 -2.21 -7.03 8.51
N TRP A 229 -1.72 -5.79 8.32
CA TRP A 229 -0.86 -5.36 7.18
C TRP A 229 0.55 -5.96 7.26
N LEU A 230 0.86 -6.73 8.31
CA LEU A 230 2.25 -7.16 8.63
C LEU A 230 2.84 -8.01 7.50
N GLY A 231 2.10 -9.03 7.05
CA GLY A 231 2.59 -10.02 6.06
C GLY A 231 2.26 -9.67 4.63
N GLU A 232 1.79 -8.44 4.38
CA GLU A 232 1.25 -8.01 3.05
C GLU A 232 2.36 -7.37 2.22
N PRO A 233 2.24 -7.40 0.87
CA PRO A 233 3.26 -6.88 -0.03
C PRO A 233 3.25 -5.35 -0.13
N ILE A 234 3.69 -4.67 0.93
CA ILE A 234 3.72 -3.18 0.98
C ILE A 234 4.97 -2.71 0.21
N LYS A 235 4.76 -2.12 -0.96
CA LYS A 235 5.85 -1.54 -1.79
C LYS A 235 6.02 -0.07 -1.44
N ALA A 236 4.98 0.58 -0.90
CA ALA A 236 5.02 2.03 -0.54
C ALA A 236 4.17 2.33 0.70
N ALA A 237 4.59 3.37 1.43
CA ALA A 237 3.84 4.07 2.48
C ALA A 237 3.67 5.53 2.06
N ILE A 238 2.43 6.04 2.06
CA ILE A 238 2.09 7.45 1.71
C ILE A 238 1.93 8.25 3.03
N LEU A 239 2.70 9.32 3.18
CA LEU A 239 2.63 10.27 4.33
C LEU A 239 2.05 11.59 3.85
N PRO A 240 0.78 11.95 4.18
CA PRO A 240 0.28 13.30 3.91
C PRO A 240 0.98 14.30 4.85
N THR A 241 1.11 15.55 4.41
CA THR A 241 1.80 16.63 5.15
C THR A 241 1.03 16.95 6.45
N SER A 242 -0.29 16.71 6.47
CA SER A 242 -1.21 16.83 7.63
C SER A 242 -0.56 16.24 8.90
N ILE A 243 -0.25 14.95 8.86
CA ILE A 243 0.04 14.08 10.04
C ILE A 243 1.24 14.63 10.81
N PHE A 244 2.04 15.48 10.18
CA PHE A 244 3.27 16.09 10.76
C PHE A 244 2.89 17.20 11.75
N LEU A 245 3.25 16.99 13.02
CA LEU A 245 3.30 18.01 14.09
C LEU A 245 4.43 19.01 13.76
N THR A 246 4.62 20.02 14.60
CA THR A 246 5.67 21.06 14.46
C THR A 246 6.49 21.14 15.76
N ASN A 247 7.82 21.02 15.66
CA ASN A 247 8.74 21.15 16.82
C ASN A 247 8.93 22.63 17.14
N LYS A 248 9.54 22.94 18.29
CA LYS A 248 9.73 24.33 18.80
C LYS A 248 10.22 25.26 17.69
N LYS A 249 11.29 24.88 16.98
CA LYS A 249 12.05 25.76 16.06
C LYS A 249 11.22 26.10 14.82
N GLY A 250 10.33 25.18 14.39
CA GLY A 250 9.37 25.43 13.30
C GLY A 250 9.31 24.30 12.27
N PHE A 251 10.31 23.40 12.27
CA PHE A 251 10.42 22.23 11.35
C PHE A 251 9.24 21.28 11.54
N PRO A 252 8.91 20.44 10.53
CA PRO A 252 7.93 19.37 10.71
C PRO A 252 8.54 18.07 11.26
N VAL A 253 7.77 17.33 12.07
CA VAL A 253 8.17 16.06 12.73
C VAL A 253 6.92 15.19 12.90
N LEU A 254 7.03 14.03 13.57
CA LEU A 254 5.91 13.07 13.75
C LEU A 254 5.76 12.70 15.22
N SER A 255 4.51 12.43 15.62
CA SER A 255 4.11 11.79 16.90
C SER A 255 4.98 10.54 17.13
N LYS A 256 5.16 10.16 18.39
CA LYS A 256 5.98 8.99 18.80
C LYS A 256 5.35 7.70 18.25
N MET A 257 4.02 7.69 18.04
CA MET A 257 3.27 6.53 17.47
C MET A 257 3.57 6.41 15.97
N HIS A 258 3.38 7.48 15.19
CA HIS A 258 3.74 7.55 13.76
C HIS A 258 5.19 7.09 13.56
N GLN A 259 6.08 7.44 14.49
CA GLN A 259 7.53 7.14 14.40
C GLN A 259 7.75 5.63 14.52
N ARG A 260 7.10 4.95 15.47
CA ARG A 260 7.18 3.47 15.64
C ARG A 260 6.84 2.78 14.31
N LEU A 261 5.73 3.18 13.68
CA LEU A 261 5.28 2.65 12.36
C LEU A 261 6.40 2.83 11.32
N ILE A 262 6.98 4.03 11.21
CA ILE A 262 8.05 4.34 10.22
C ILE A 262 9.20 3.35 10.45
N PHE A 263 9.69 3.22 11.68
CA PHE A 263 10.79 2.30 12.07
C PHE A 263 10.45 0.87 11.62
N ARG A 264 9.18 0.50 11.74
CA ARG A 264 8.66 -0.82 11.30
C ARG A 264 8.69 -0.90 9.76
N LEU A 265 8.17 0.11 9.07
CA LEU A 265 8.10 0.16 7.58
C LEU A 265 9.51 0.21 6.98
N LEU A 266 10.51 0.70 7.70
CA LEU A 266 11.92 0.80 7.23
C LEU A 266 12.56 -0.59 7.20
N LYS A 267 12.25 -1.45 8.18
CA LYS A 267 12.75 -2.85 8.24
C LYS A 267 12.08 -3.68 7.14
N LEU A 268 10.94 -3.22 6.61
CA LEU A 268 10.23 -3.85 5.45
C LEU A 268 10.71 -3.23 4.13
N GLU A 269 11.68 -2.30 4.19
CA GLU A 269 12.31 -1.61 3.03
C GLU A 269 11.23 -1.20 2.02
N VAL A 270 10.22 -0.45 2.47
CA VAL A 270 9.17 0.14 1.59
C VAL A 270 9.71 1.46 1.04
N GLN A 271 9.11 1.96 -0.04
CA GLN A 271 9.36 3.33 -0.55
C GLN A 271 8.33 4.28 0.08
N PHE A 272 8.78 5.45 0.53
CA PHE A 272 7.94 6.50 1.16
C PHE A 272 7.50 7.51 0.09
N ILE A 273 6.23 7.86 0.10
CA ILE A 273 5.61 8.85 -0.83
C ILE A 273 5.05 10.01 0.00
N ILE A 274 5.56 11.23 -0.19
CA ILE A 274 4.98 12.46 0.44
C ILE A 274 3.93 13.01 -0.53
N THR A 275 2.74 13.34 0.00
CA THR A 275 1.57 13.84 -0.76
C THR A 275 1.03 15.09 -0.07
N GLY A 276 0.30 15.93 -0.83
CA GLY A 276 -0.31 17.19 -0.33
C GLY A 276 0.69 18.34 -0.31
N THR A 277 0.20 19.55 -0.04
CA THR A 277 0.97 20.82 -0.08
C THR A 277 1.84 20.97 1.18
N ASN A 278 2.74 21.96 1.17
CA ASN A 278 3.61 22.35 2.30
C ASN A 278 2.78 23.15 3.30
N HIS A 279 2.55 22.59 4.50
CA HIS A 279 1.80 23.23 5.62
C HIS A 279 2.78 23.79 6.67
N HIS A 280 4.08 23.58 6.46
CA HIS A 280 5.19 24.14 7.29
C HIS A 280 5.92 25.21 6.46
N SER A 281 5.22 26.30 6.18
CA SER A 281 5.47 27.25 5.05
C SER A 281 6.83 27.98 5.22
N GLU A 282 7.36 28.07 6.44
CA GLU A 282 8.67 28.71 6.73
C GLU A 282 9.82 27.71 6.52
N LYS A 283 9.63 26.71 5.65
CA LYS A 283 10.67 25.71 5.27
C LYS A 283 10.43 25.24 3.83
N GLU A 284 11.47 24.67 3.20
CA GLU A 284 11.39 23.89 1.93
C GLU A 284 10.67 22.57 2.23
N PHE A 285 10.20 21.84 1.20
CA PHE A 285 9.65 20.47 1.31
C PHE A 285 10.70 19.50 1.85
N CYS A 286 11.98 19.71 1.48
CA CYS A 286 13.11 18.82 1.83
C CYS A 286 13.36 18.82 3.33
N SER A 287 12.44 19.41 4.11
CA SER A 287 12.35 19.30 5.59
C SER A 287 11.53 18.05 5.97
N TYR A 288 10.33 17.91 5.41
CA TYR A 288 9.47 16.70 5.52
C TYR A 288 10.33 15.46 5.24
N LEU A 289 11.07 15.52 4.13
CA LEU A 289 11.95 14.42 3.64
C LEU A 289 13.16 14.27 4.57
N GLN A 290 13.85 15.37 4.88
CA GLN A 290 15.02 15.39 5.83
C GLN A 290 14.66 14.63 7.10
N TYR A 291 13.40 14.72 7.55
CA TYR A 291 12.93 14.10 8.82
C TYR A 291 12.89 12.58 8.68
N LEU A 292 12.45 12.05 7.54
CA LEU A 292 12.49 10.60 7.24
C LEU A 292 13.94 10.12 7.27
N GLU A 293 14.84 10.85 6.62
CA GLU A 293 16.28 10.50 6.50
C GLU A 293 16.94 10.60 7.89
N TYR A 294 16.50 11.54 8.73
CA TYR A 294 16.87 11.64 10.17
C TYR A 294 16.43 10.35 10.86
N LEU A 295 15.14 10.00 10.72
CA LEU A 295 14.51 8.78 11.32
C LEU A 295 15.25 7.51 10.84
N SER A 296 15.60 7.43 9.56
CA SER A 296 16.29 6.27 8.94
C SER A 296 17.67 6.07 9.57
N GLN A 297 18.51 7.09 9.50
CA GLN A 297 19.92 7.08 9.98
C GLN A 297 19.96 6.98 11.52
N ASN A 298 18.80 7.11 12.18
CA ASN A 298 18.65 7.03 13.66
C ASN A 298 17.80 5.82 14.06
N ARG A 299 18.16 4.63 13.60
CA ARG A 299 17.53 3.36 14.07
C ARG A 299 18.62 2.45 14.62
N PRO A 300 18.31 1.50 15.53
CA PRO A 300 19.31 0.57 16.06
C PRO A 300 19.99 -0.14 14.89
N PRO A 301 21.30 0.08 14.64
CA PRO A 301 21.94 -0.47 13.44
C PRO A 301 21.81 -2.00 13.39
N PRO A 302 21.96 -2.61 12.19
CA PRO A 302 21.72 -4.04 12.04
C PRO A 302 22.69 -4.90 12.87
N ASN A 303 22.16 -5.77 13.74
CA ASN A 303 22.94 -6.71 14.58
C ASN A 303 23.66 -7.71 13.66
N ALA A 304 24.58 -8.51 14.22
CA ALA A 304 25.44 -9.47 13.50
C ALA A 304 24.59 -10.33 12.55
N TYR A 305 23.45 -10.82 13.03
CA TYR A 305 22.51 -11.72 12.31
C TYR A 305 21.86 -11.00 11.12
N GLU A 306 21.25 -9.83 11.37
CA GLU A 306 20.53 -9.02 10.34
C GLU A 306 21.51 -8.61 9.23
N LEU A 307 22.77 -8.34 9.57
CA LEU A 307 23.85 -7.98 8.63
C LEU A 307 24.19 -9.18 7.74
N PHE A 308 24.40 -10.35 8.38
CA PHE A 308 24.73 -11.66 7.75
C PHE A 308 23.67 -12.02 6.69
N ALA A 309 22.39 -12.09 7.11
CA ALA A 309 21.26 -12.64 6.34
C ALA A 309 20.55 -11.53 5.54
N LYS A 310 21.27 -10.48 5.15
CA LYS A 310 20.69 -9.19 4.68
C LYS A 310 20.10 -9.33 3.27
N GLY A 311 20.57 -10.30 2.48
CA GLY A 311 20.14 -10.48 1.07
C GLY A 311 19.23 -11.69 0.89
N TYR A 312 18.85 -12.36 1.98
CA TYR A 312 18.13 -13.67 1.98
C TYR A 312 16.67 -13.51 2.41
N GLU A 313 16.25 -12.30 2.82
CA GLU A 313 14.88 -12.05 3.32
C GLU A 313 13.87 -12.67 2.35
N ASP A 314 13.04 -13.58 2.86
CA ASP A 314 11.94 -14.26 2.11
C ASP A 314 12.47 -14.81 0.78
N TYR A 315 13.65 -15.44 0.80
CA TYR A 315 14.24 -16.19 -0.34
C TYR A 315 14.11 -17.69 -0.05
N LEU A 316 13.28 -18.39 -0.82
CA LEU A 316 13.05 -19.85 -0.68
C LEU A 316 14.28 -20.62 -1.20
N GLN A 317 14.66 -21.67 -0.48
CA GLN A 317 15.75 -22.61 -0.85
C GLN A 317 15.28 -24.02 -0.51
N SER A 318 15.70 -25.02 -1.28
CA SER A 318 15.52 -26.44 -0.93
C SER A 318 16.31 -26.72 0.35
N PRO A 319 15.74 -27.47 1.32
CA PRO A 319 16.50 -27.85 2.51
C PRO A 319 17.63 -28.79 2.09
N LEU A 320 18.85 -28.56 2.59
CA LEU A 320 20.01 -29.46 2.37
C LEU A 320 19.65 -30.87 2.84
N GLN A 321 20.18 -31.89 2.16
CA GLN A 321 20.18 -33.31 2.59
C GLN A 321 21.63 -33.80 2.61
N PRO A 322 22.41 -33.44 3.65
CA PRO A 322 23.83 -33.80 3.72
C PRO A 322 24.07 -35.31 3.81
N LEU A 323 23.03 -36.11 4.04
CA LEU A 323 23.08 -37.59 3.92
C LEU A 323 23.05 -37.97 2.43
N MET A 324 21.91 -37.75 1.76
CA MET A 324 21.64 -38.20 0.37
C MET A 324 22.63 -37.52 -0.60
N ASP A 325 23.08 -36.31 -0.27
CA ASP A 325 23.95 -35.46 -1.14
C ASP A 325 25.31 -35.22 -0.46
N ASN A 326 26.33 -34.89 -1.27
CA ASN A 326 27.66 -34.43 -0.81
C ASN A 326 27.71 -32.90 -0.86
N LEU A 327 27.73 -32.25 0.31
CA LEU A 327 27.77 -30.77 0.45
C LEU A 327 29.03 -30.24 -0.26
N GLU A 328 28.91 -29.05 -0.85
CA GLU A 328 30.00 -28.35 -1.58
C GLU A 328 30.93 -27.68 -0.58
N SER A 329 32.20 -27.50 -0.93
CA SER A 329 33.26 -26.86 -0.09
C SER A 329 32.72 -25.57 0.54
N GLN A 330 32.06 -24.72 -0.25
CA GLN A 330 31.61 -23.37 0.18
C GLN A 330 30.41 -23.46 1.12
N THR A 331 29.67 -24.57 1.11
CA THR A 331 28.58 -24.83 2.08
C THR A 331 29.22 -25.08 3.47
N TYR A 332 30.19 -26.00 3.55
CA TYR A 332 30.97 -26.27 4.80
C TYR A 332 31.63 -24.97 5.29
N GLU A 333 32.05 -24.11 4.36
CA GLU A 333 32.71 -22.79 4.67
C GLU A 333 31.80 -21.97 5.58
N VAL A 334 30.48 -21.92 5.31
CA VAL A 334 29.52 -21.07 6.07
C VAL A 334 29.19 -21.76 7.41
N PHE A 335 29.03 -23.09 7.43
CA PHE A 335 28.83 -23.86 8.69
C PHE A 335 29.95 -23.48 9.68
N GLU A 336 31.18 -23.40 9.17
CA GLU A 336 32.43 -23.21 9.95
C GLU A 336 32.55 -21.75 10.39
N LYS A 337 32.17 -20.81 9.51
CA LYS A 337 32.19 -19.35 9.77
C LYS A 337 31.00 -19.00 10.68
N ASP A 338 30.99 -19.56 11.90
CA ASP A 338 29.92 -19.38 12.93
C ASP A 338 30.49 -19.72 14.30
N PRO A 339 31.23 -18.80 14.96
CA PRO A 339 31.95 -19.14 16.19
C PRO A 339 31.06 -19.53 17.38
N ILE A 340 29.97 -18.79 17.61
CA ILE A 340 29.02 -18.96 18.76
C ILE A 340 28.59 -20.43 18.84
N LYS A 341 28.27 -21.08 17.72
CA LYS A 341 27.78 -22.48 17.69
C LYS A 341 28.87 -23.43 18.19
N TYR A 342 30.13 -23.19 17.80
CA TYR A 342 31.27 -24.10 18.08
C TYR A 342 31.79 -23.88 19.50
N SER A 343 31.69 -22.65 20.03
CA SER A 343 31.88 -22.32 21.46
C SER A 343 30.97 -23.20 22.31
N GLN A 344 29.68 -23.27 21.97
CA GLN A 344 28.67 -24.09 22.71
C GLN A 344 29.10 -25.55 22.69
N TYR A 345 29.44 -26.09 21.51
CA TYR A 345 29.94 -27.47 21.32
C TYR A 345 31.20 -27.67 22.17
N GLN A 346 32.15 -26.72 22.13
CA GLN A 346 33.42 -26.78 22.93
C GLN A 346 33.07 -26.94 24.41
N GLN A 347 32.26 -26.03 24.95
CA GLN A 347 31.84 -25.98 26.38
C GLN A 347 31.16 -27.29 26.78
N ALA A 348 30.28 -27.83 25.93
CA ALA A 348 29.47 -29.04 26.19
C ALA A 348 30.36 -30.26 26.39
N ILE A 349 31.46 -30.34 25.64
CA ILE A 349 32.44 -31.47 25.65
C ILE A 349 33.33 -31.32 26.88
N TYR A 350 33.95 -30.14 27.03
CA TYR A 350 34.67 -29.66 28.23
C TYR A 350 33.94 -30.10 29.51
N LYS A 351 32.65 -29.78 29.63
CA LYS A 351 31.81 -30.14 30.82
C LYS A 351 31.68 -31.67 30.90
N CYS A 352 31.44 -32.34 29.77
CA CYS A 352 31.25 -33.81 29.70
C CYS A 352 32.55 -34.53 30.09
N LEU A 353 33.71 -34.01 29.67
CA LEU A 353 35.04 -34.58 30.00
C LEU A 353 35.22 -34.59 31.52
N LEU A 354 34.86 -33.48 32.20
CA LEU A 354 35.06 -33.29 33.66
C LEU A 354 34.10 -34.18 34.46
N ASP A 355 32.89 -34.42 33.95
CA ASP A 355 31.88 -35.27 34.64
C ASP A 355 32.15 -36.76 34.37
N ARG A 356 33.25 -37.09 33.69
CA ARG A 356 33.53 -38.48 33.20
C ARG A 356 34.91 -38.98 33.67
N VAL A 357 35.94 -38.13 33.71
CA VAL A 357 37.28 -38.49 34.28
C VAL A 357 37.56 -37.61 35.49
N PRO A 358 37.52 -38.19 36.72
CA PRO A 358 37.89 -37.48 37.94
C PRO A 358 39.37 -37.04 37.92
N GLU A 359 39.67 -35.93 38.59
CA GLU A 359 40.99 -35.25 38.63
C GLU A 359 42.13 -36.26 38.90
N GLU A 360 41.91 -37.22 39.81
CA GLU A 360 42.93 -38.26 40.16
C GLU A 360 43.20 -39.18 38.95
N GLU A 361 42.24 -39.29 38.01
CA GLU A 361 42.32 -40.21 36.84
C GLU A 361 42.90 -39.50 35.61
N LYS A 362 43.22 -38.21 35.71
CA LYS A 362 43.38 -37.30 34.53
C LYS A 362 44.48 -37.80 33.57
N ASP A 363 45.51 -38.48 34.08
CA ASP A 363 46.66 -38.98 33.26
C ASP A 363 46.67 -40.51 33.23
N THR A 364 45.59 -41.16 33.68
CA THR A 364 45.35 -42.62 33.55
C THR A 364 44.22 -42.88 32.54
N ASN A 365 43.40 -41.87 32.22
CA ASN A 365 42.15 -42.04 31.44
C ASN A 365 42.16 -41.11 30.22
N VAL A 366 42.44 -41.71 29.05
CA VAL A 366 42.17 -41.18 27.69
C VAL A 366 40.70 -41.49 27.35
N GLN A 367 39.86 -40.47 27.13
CA GLN A 367 38.48 -40.64 26.63
C GLN A 367 38.52 -40.86 25.12
N VAL A 368 37.80 -41.86 24.60
CA VAL A 368 37.64 -42.09 23.13
C VAL A 368 36.39 -41.34 22.68
N LEU A 369 36.58 -40.29 21.87
CA LEU A 369 35.56 -39.32 21.43
C LEU A 369 35.43 -39.37 19.90
N MET A 370 34.23 -39.65 19.38
CA MET A 370 33.97 -39.86 17.94
C MET A 370 33.08 -38.75 17.36
N VAL A 371 33.61 -37.97 16.42
CA VAL A 371 32.84 -37.01 15.58
C VAL A 371 32.11 -37.79 14.50
N LEU A 372 30.77 -37.70 14.44
CA LEU A 372 29.94 -38.42 13.45
C LEU A 372 29.34 -37.41 12.47
N GLY A 373 29.89 -37.35 11.25
CA GLY A 373 29.62 -36.30 10.26
C GLY A 373 30.51 -35.09 10.53
N ALA A 374 31.82 -35.26 10.31
CA ALA A 374 32.89 -34.34 10.77
C ALA A 374 33.09 -33.18 9.77
N GLY A 375 32.57 -33.33 8.55
CA GLY A 375 32.76 -32.35 7.46
C GLY A 375 34.24 -32.12 7.18
N ARG A 376 34.69 -30.87 7.29
CA ARG A 376 36.12 -30.47 7.14
C ARG A 376 36.77 -30.32 8.53
N GLY A 377 36.04 -30.69 9.59
CA GLY A 377 36.56 -30.88 10.96
C GLY A 377 36.51 -29.63 11.84
N PRO A 378 35.40 -28.86 11.90
CA PRO A 378 35.28 -27.78 12.87
C PRO A 378 34.99 -28.33 14.29
N LEU A 379 34.31 -29.47 14.38
CA LEU A 379 33.98 -30.16 15.67
C LEU A 379 35.22 -30.88 16.20
N VAL A 380 35.98 -31.53 15.31
CA VAL A 380 37.29 -32.18 15.65
C VAL A 380 38.17 -31.13 16.36
N ASN A 381 38.23 -29.90 15.83
CA ASN A 381 39.04 -28.80 16.40
C ASN A 381 38.45 -28.37 17.75
N ALA A 382 37.13 -28.23 17.85
CA ALA A 382 36.42 -27.87 19.10
C ALA A 382 36.70 -28.94 20.17
N SER A 383 36.69 -30.21 19.78
CA SER A 383 36.97 -31.38 20.67
C SER A 383 38.41 -31.30 21.20
N LEU A 384 39.36 -30.80 20.39
CA LEU A 384 40.78 -30.63 20.81
C LEU A 384 40.90 -29.41 21.73
N ARG A 385 40.30 -28.28 21.36
CA ARG A 385 40.23 -27.06 22.20
C ARG A 385 39.54 -27.40 23.53
N ALA A 386 38.56 -28.32 23.51
CA ALA A 386 37.83 -28.83 24.70
C ALA A 386 38.83 -29.45 25.69
N ALA A 387 39.55 -30.49 25.27
CA ALA A 387 40.43 -31.33 26.11
C ALA A 387 41.64 -30.52 26.61
N LYS A 388 42.19 -29.61 25.80
CA LYS A 388 43.32 -28.72 26.19
C LYS A 388 42.79 -27.49 26.94
N GLN A 389 41.58 -27.58 27.50
CA GLN A 389 40.93 -26.53 28.35
C GLN A 389 40.50 -27.17 29.68
N ALA A 390 40.00 -28.42 29.61
CA ALA A 390 39.60 -29.25 30.77
C ALA A 390 40.78 -30.10 31.25
N ASP A 391 41.94 -30.02 30.57
CA ASP A 391 43.16 -30.81 30.84
C ASP A 391 42.77 -32.27 31.10
N ARG A 392 42.24 -32.94 30.08
CA ARG A 392 42.06 -34.42 30.04
C ARG A 392 42.51 -34.93 28.66
N ARG A 393 42.77 -36.24 28.56
CA ARG A 393 43.35 -36.87 27.34
C ARG A 393 42.21 -37.52 26.54
N ILE A 394 42.22 -37.33 25.21
CA ILE A 394 41.16 -37.81 24.27
C ILE A 394 41.82 -38.51 23.07
N LYS A 395 41.17 -39.57 22.58
CA LYS A 395 41.45 -40.20 21.26
C LYS A 395 40.28 -39.85 20.33
N LEU A 396 40.58 -39.25 19.17
CA LEU A 396 39.57 -38.73 18.20
C LEU A 396 39.48 -39.67 16.99
N TYR A 397 38.27 -40.17 16.71
CA TYR A 397 37.85 -40.65 15.37
C TYR A 397 37.04 -39.54 14.71
N ALA A 398 37.21 -39.38 13.39
CA ALA A 398 36.47 -38.41 12.55
C ALA A 398 35.78 -39.16 11.41
N VAL A 399 34.53 -39.58 11.63
CA VAL A 399 33.72 -40.36 10.64
C VAL A 399 32.99 -39.37 9.74
N GLU A 400 33.24 -39.47 8.43
CA GLU A 400 32.71 -38.57 7.37
C GLU A 400 32.59 -39.37 6.08
N LYS A 401 31.40 -39.34 5.45
CA LYS A 401 31.09 -40.16 4.25
C LYS A 401 31.38 -39.39 2.96
N ASN A 402 31.25 -38.05 2.99
CA ASN A 402 31.47 -37.16 1.83
C ASN A 402 32.97 -37.18 1.51
N PRO A 403 33.43 -38.01 0.55
CA PRO A 403 34.87 -38.22 0.35
C PRO A 403 35.60 -36.93 -0.07
N ASN A 404 34.85 -35.95 -0.59
CA ASN A 404 35.38 -34.62 -1.01
C ASN A 404 35.85 -33.84 0.23
N ALA A 405 35.10 -33.93 1.34
CA ALA A 405 35.43 -33.32 2.65
C ALA A 405 36.54 -34.14 3.33
N VAL A 406 36.48 -35.47 3.19
CA VAL A 406 37.45 -36.45 3.74
C VAL A 406 38.86 -36.13 3.22
N VAL A 407 38.97 -35.59 2.00
CA VAL A 407 40.26 -35.07 1.44
C VAL A 407 40.79 -33.97 2.36
N THR A 408 39.90 -33.08 2.83
CA THR A 408 40.24 -31.93 3.70
C THR A 408 40.63 -32.43 5.09
N LEU A 409 39.93 -33.43 5.64
CA LEU A 409 40.22 -34.01 6.97
C LEU A 409 41.63 -34.62 6.98
N GLU A 410 41.95 -35.42 5.96
CA GLU A 410 43.21 -36.21 5.88
C GLU A 410 44.41 -35.28 5.64
N ASN A 411 44.22 -34.17 4.92
CA ASN A 411 45.28 -33.12 4.73
C ASN A 411 45.52 -32.44 6.08
N TRP A 412 44.46 -31.97 6.77
CA TRP A 412 44.53 -31.44 8.16
C TRP A 412 45.29 -32.44 9.04
N GLN A 413 44.82 -33.68 9.04
CA GLN A 413 45.29 -34.76 9.95
C GLN A 413 46.80 -34.96 9.75
N PHE A 414 47.22 -35.19 8.51
CA PHE A 414 48.65 -35.39 8.15
C PHE A 414 49.45 -34.17 8.61
N GLU A 415 48.94 -32.98 8.31
CA GLU A 415 49.69 -31.70 8.48
C GLU A 415 49.74 -31.29 9.96
N GLU A 416 48.67 -31.46 10.74
CA GLU A 416 48.59 -30.86 12.10
C GLU A 416 48.16 -31.89 13.15
N TRP A 417 46.99 -32.52 13.00
CA TRP A 417 46.37 -33.33 14.08
C TRP A 417 47.32 -34.46 14.52
N GLY A 418 47.89 -35.18 13.56
CA GLY A 418 48.72 -36.38 13.82
C GLY A 418 47.85 -37.58 14.10
N SER A 419 48.41 -38.59 14.78
CA SER A 419 47.79 -39.90 15.07
C SER A 419 46.63 -39.76 16.06
N GLN A 420 46.57 -38.68 16.84
CA GLN A 420 45.48 -38.45 17.82
C GLN A 420 44.14 -38.71 17.12
N VAL A 421 43.96 -38.13 15.93
CA VAL A 421 42.74 -38.27 15.08
C VAL A 421 42.97 -39.39 14.06
N THR A 422 42.12 -40.43 14.08
CA THR A 422 41.88 -41.35 12.93
C THR A 422 40.75 -40.76 12.09
N VAL A 423 41.01 -40.44 10.81
CA VAL A 423 39.91 -40.14 9.85
C VAL A 423 39.36 -41.47 9.36
N VAL A 424 38.07 -41.71 9.62
CA VAL A 424 37.27 -42.81 9.00
C VAL A 424 36.50 -42.19 7.83
N SER A 425 36.55 -42.83 6.66
CA SER A 425 35.87 -42.38 5.42
C SER A 425 34.72 -43.32 5.10
N SER A 426 33.67 -43.31 5.92
CA SER A 426 32.48 -44.18 5.71
C SER A 426 31.24 -43.63 6.42
N ASP A 427 30.10 -44.22 6.08
CA ASP A 427 28.77 -44.00 6.71
C ASP A 427 28.83 -44.55 8.13
N MET A 428 28.41 -43.77 9.12
CA MET A 428 28.41 -44.17 10.56
C MET A 428 27.48 -45.38 10.78
N ARG A 429 26.49 -45.58 9.91
CA ARG A 429 25.55 -46.74 9.95
C ARG A 429 26.25 -48.03 9.48
N GLU A 430 27.33 -47.92 8.69
CA GLU A 430 28.03 -49.08 8.08
C GLU A 430 29.33 -49.38 8.85
N TRP A 431 29.99 -48.35 9.37
CA TRP A 431 31.34 -48.42 9.99
C TRP A 431 31.38 -49.46 11.11
N VAL A 432 32.34 -50.37 11.06
CA VAL A 432 32.70 -51.30 12.18
C VAL A 432 33.88 -50.66 12.93
N ALA A 433 33.67 -50.27 14.18
CA ALA A 433 34.64 -49.50 15.00
C ALA A 433 35.55 -50.47 15.75
N PRO A 434 36.88 -50.17 15.84
CA PRO A 434 37.82 -51.01 16.58
C PRO A 434 37.44 -51.09 18.07
N GLU A 435 37.20 -49.93 18.69
CA GLU A 435 36.81 -49.77 20.12
C GLU A 435 35.45 -49.06 20.19
N LYS A 436 34.74 -49.20 21.32
CA LYS A 436 33.50 -48.43 21.60
C LYS A 436 33.91 -47.02 22.07
N ALA A 437 32.96 -46.07 22.05
CA ALA A 437 33.22 -44.63 22.28
C ALA A 437 32.61 -44.20 23.62
N ASP A 438 33.27 -43.25 24.29
CA ASP A 438 32.75 -42.56 25.49
C ASP A 438 31.67 -41.57 25.04
N ILE A 439 32.04 -40.66 24.13
CA ILE A 439 31.18 -39.54 23.65
C ILE A 439 31.15 -39.56 22.12
N ILE A 440 29.95 -39.67 21.53
CA ILE A 440 29.69 -39.37 20.10
C ILE A 440 29.23 -37.92 20.00
N VAL A 441 29.74 -37.17 19.02
CA VAL A 441 29.49 -35.72 18.84
C VAL A 441 29.07 -35.50 17.37
N SER A 442 27.88 -34.93 17.15
CA SER A 442 27.26 -34.78 15.81
C SER A 442 26.64 -33.39 15.63
N GLU A 443 26.51 -32.98 14.37
CA GLU A 443 26.03 -31.65 13.91
C GLU A 443 25.01 -31.89 12.79
N LEU A 444 24.22 -32.96 12.90
CA LEU A 444 23.35 -33.52 11.82
C LEU A 444 21.94 -32.91 11.88
N LEU A 445 21.79 -31.76 12.53
CA LEU A 445 20.46 -31.12 12.72
C LEU A 445 20.18 -30.21 11.53
N GLY A 446 18.95 -30.28 11.01
CA GLY A 446 18.41 -29.30 10.05
C GLY A 446 17.66 -28.20 10.77
N SER A 447 16.99 -27.32 10.00
CA SER A 447 16.18 -26.18 10.49
C SER A 447 14.95 -26.68 11.26
N PHE A 448 14.56 -27.95 11.05
CA PHE A 448 13.41 -28.61 11.72
C PHE A 448 13.93 -29.78 12.58
N ALA A 449 15.15 -29.66 13.10
CA ALA A 449 15.85 -30.62 13.98
C ALA A 449 16.14 -31.93 13.23
N ASP A 450 15.12 -32.79 13.09
CA ASP A 450 15.26 -34.21 12.66
C ASP A 450 15.18 -34.33 11.12
N ASN A 451 15.12 -33.21 10.38
CA ASN A 451 14.79 -33.19 8.93
C ASN A 451 16.02 -33.54 8.07
N GLU A 452 17.23 -33.56 8.65
CA GLU A 452 18.44 -34.09 7.97
C GLU A 452 18.73 -35.53 8.44
N LEU A 453 17.82 -36.12 9.22
CA LEU A 453 17.81 -37.57 9.57
C LEU A 453 18.89 -37.88 10.62
N SER A 454 19.18 -36.91 11.50
CA SER A 454 20.00 -37.08 12.73
C SER A 454 19.56 -38.32 13.50
N PRO A 455 18.24 -38.54 13.75
CA PRO A 455 17.76 -39.77 14.39
C PRO A 455 18.29 -41.08 13.78
N GLU A 456 17.98 -41.32 12.49
CA GLU A 456 18.29 -42.58 11.76
C GLU A 456 19.80 -42.81 11.76
N CYS A 457 20.57 -41.73 11.54
CA CYS A 457 22.04 -41.75 11.45
C CYS A 457 22.65 -42.14 12.81
N LEU A 458 22.17 -41.54 13.91
CA LEU A 458 22.73 -41.78 15.27
C LEU A 458 22.24 -43.12 15.83
N ASP A 459 21.03 -43.57 15.45
CA ASP A 459 20.48 -44.91 15.81
C ASP A 459 21.42 -45.99 15.28
N GLY A 460 21.83 -45.87 14.01
CA GLY A 460 22.70 -46.84 13.31
C GLY A 460 24.13 -46.84 13.86
N ALA A 461 24.49 -45.84 14.67
CA ALA A 461 25.85 -45.62 15.20
C ALA A 461 25.92 -45.87 16.71
N GLN A 462 24.79 -46.02 17.41
CA GLN A 462 24.77 -46.07 18.90
C GLN A 462 25.30 -47.42 19.38
N HIS A 463 25.32 -48.45 18.53
CA HIS A 463 25.85 -49.79 18.88
C HIS A 463 27.34 -49.72 19.22
N PHE A 464 28.09 -48.74 18.70
CA PHE A 464 29.53 -48.55 18.99
C PHE A 464 29.76 -47.41 20.00
N LEU A 465 28.69 -46.96 20.68
CA LEU A 465 28.76 -46.14 21.92
C LEU A 465 28.75 -47.10 23.12
N LYS A 466 29.51 -46.81 24.17
CA LYS A 466 29.56 -47.67 25.38
C LYS A 466 28.19 -47.63 26.07
N ASP A 467 27.85 -48.70 26.80
CA ASP A 467 26.51 -48.88 27.46
C ASP A 467 26.28 -47.77 28.50
N ASP A 468 27.25 -46.88 28.69
CA ASP A 468 27.18 -45.71 29.60
C ASP A 468 27.63 -44.43 28.88
N GLY A 469 27.63 -44.43 27.54
CA GLY A 469 28.18 -43.32 26.72
C GLY A 469 27.22 -42.14 26.64
N VAL A 470 27.78 -40.95 26.38
CA VAL A 470 27.04 -39.67 26.15
C VAL A 470 26.97 -39.43 24.64
N SER A 471 25.82 -38.99 24.12
CA SER A 471 25.69 -38.35 22.78
C SER A 471 25.60 -36.82 22.97
N ILE A 472 26.39 -36.07 22.20
CA ILE A 472 26.30 -34.59 22.11
C ILE A 472 25.96 -34.23 20.67
N PRO A 473 24.69 -33.88 20.34
CA PRO A 473 23.68 -33.55 21.35
C PRO A 473 22.95 -34.77 21.93
N GLY A 474 22.33 -34.60 23.10
CA GLY A 474 21.55 -35.63 23.81
C GLY A 474 20.07 -35.56 23.47
N GLU A 475 19.56 -34.36 23.17
CA GLU A 475 18.13 -34.08 22.90
C GLU A 475 18.01 -32.95 21.86
N TYR A 476 17.11 -33.09 20.89
CA TYR A 476 16.61 -31.97 20.06
C TYR A 476 15.08 -32.06 19.95
N THR A 477 14.46 -30.89 19.77
CA THR A 477 12.99 -30.71 19.67
C THR A 477 12.69 -29.70 18.56
N SER A 478 11.80 -30.05 17.63
CA SER A 478 11.30 -29.16 16.55
C SER A 478 10.07 -28.39 17.06
N PHE A 479 9.89 -27.16 16.58
CA PHE A 479 8.79 -26.24 16.96
C PHE A 479 8.06 -25.76 15.70
N LEU A 480 6.73 -25.66 15.77
CA LEU A 480 5.86 -25.13 14.69
C LEU A 480 5.10 -23.90 15.19
N ALA A 481 4.82 -22.95 14.30
CA ALA A 481 3.99 -21.74 14.55
C ALA A 481 3.30 -21.34 13.26
N PRO A 482 1.96 -21.14 13.26
CA PRO A 482 1.24 -20.77 12.04
C PRO A 482 1.52 -19.32 11.68
N ILE A 483 1.69 -19.02 10.38
CA ILE A 483 2.06 -17.66 9.89
C ILE A 483 1.07 -17.19 8.83
N SER A 484 0.98 -15.87 8.66
CA SER A 484 0.31 -15.16 7.55
C SER A 484 1.36 -14.42 6.74
N SER A 485 1.50 -14.76 5.46
CA SER A 485 2.37 -14.04 4.49
C SER A 485 1.83 -14.27 3.07
N SER A 486 0.93 -13.39 2.64
CA SER A 486 0.44 -13.31 1.24
C SER A 486 1.62 -13.09 0.29
N LYS A 487 2.75 -12.64 0.84
CA LYS A 487 4.04 -12.45 0.13
C LYS A 487 4.69 -13.82 -0.13
N LEU A 488 4.92 -14.62 0.90
CA LEU A 488 5.63 -15.93 0.80
C LEU A 488 4.76 -16.97 0.08
N TYR A 489 3.44 -16.95 0.31
CA TYR A 489 2.45 -17.81 -0.39
C TYR A 489 2.65 -17.67 -1.91
N ASN A 490 2.98 -16.45 -2.34
CA ASN A 490 3.19 -16.08 -3.77
C ASN A 490 4.55 -16.61 -4.25
N GLU A 491 5.60 -16.50 -3.43
CA GLU A 491 6.96 -17.00 -3.76
C GLU A 491 6.92 -18.52 -3.96
N VAL A 492 6.09 -19.23 -3.17
CA VAL A 492 5.89 -20.70 -3.29
C VAL A 492 5.13 -20.96 -4.61
N ARG A 493 3.95 -20.37 -4.76
CA ARG A 493 3.11 -20.46 -5.99
C ARG A 493 3.99 -20.30 -7.22
N ALA A 494 4.95 -19.37 -7.16
CA ALA A 494 5.89 -19.01 -8.25
C ALA A 494 6.94 -20.12 -8.48
N CYS A 495 6.88 -21.23 -7.75
CA CYS A 495 7.87 -22.36 -7.83
C CYS A 495 7.30 -23.53 -8.63
N ARG A 496 6.12 -23.39 -9.25
CA ARG A 496 5.58 -24.41 -10.17
C ARG A 496 6.62 -24.71 -11.25
N GLU A 497 6.76 -25.99 -11.61
CA GLU A 497 7.71 -26.47 -12.64
C GLU A 497 7.00 -27.43 -13.58
N LYS A 498 7.34 -27.37 -14.86
CA LYS A 498 6.91 -28.33 -15.91
C LYS A 498 7.29 -29.75 -15.46
N ASP A 499 6.60 -30.77 -15.96
CA ASP A 499 6.96 -32.20 -15.82
C ASP A 499 6.90 -32.64 -14.34
N ARG A 500 5.95 -32.10 -13.57
CA ARG A 500 5.62 -32.57 -12.20
C ARG A 500 4.25 -32.03 -11.80
N ASP A 501 3.67 -32.58 -10.72
CA ASP A 501 2.40 -32.11 -10.11
C ASP A 501 2.38 -30.59 -10.09
N PRO A 502 1.32 -29.93 -10.61
CA PRO A 502 1.26 -28.47 -10.62
C PRO A 502 1.13 -27.86 -9.21
N GLU A 503 0.91 -28.70 -8.20
CA GLU A 503 0.74 -28.29 -6.77
C GLU A 503 1.86 -28.89 -5.90
N ALA A 504 2.87 -29.52 -6.51
CA ALA A 504 4.04 -30.12 -5.83
C ALA A 504 4.72 -29.09 -4.93
N GLN A 505 4.86 -27.85 -5.42
CA GLN A 505 5.65 -26.77 -4.76
C GLN A 505 5.07 -26.46 -3.35
N PHE A 506 3.80 -26.77 -3.12
CA PHE A 506 3.08 -26.49 -1.83
C PHE A 506 3.23 -27.65 -0.84
N GLU A 507 3.68 -28.81 -1.31
CA GLU A 507 3.74 -30.07 -0.53
C GLU A 507 5.19 -30.38 -0.13
N MET A 508 5.99 -29.35 0.07
CA MET A 508 7.43 -29.50 0.42
C MET A 508 7.88 -28.31 1.25
N PRO A 509 8.79 -28.54 2.23
CA PRO A 509 9.32 -27.45 3.05
C PRO A 509 10.38 -26.66 2.28
N TYR A 510 10.51 -25.38 2.61
CA TYR A 510 11.58 -24.47 2.14
C TYR A 510 12.30 -23.91 3.36
N VAL A 511 13.63 -23.97 3.38
CA VAL A 511 14.48 -23.12 4.27
C VAL A 511 14.35 -21.69 3.73
N VAL A 512 14.17 -20.72 4.63
CA VAL A 512 13.98 -19.28 4.25
C VAL A 512 14.14 -18.43 5.51
N ARG A 513 14.82 -17.29 5.37
CA ARG A 513 14.84 -16.20 6.39
C ARG A 513 13.48 -15.49 6.30
N LEU A 514 12.44 -16.07 6.90
CA LEU A 514 11.09 -15.46 6.99
C LEU A 514 11.29 -14.02 7.46
N HIS A 515 10.79 -13.05 6.70
CA HIS A 515 10.98 -11.60 6.98
C HIS A 515 9.63 -10.88 6.96
N ASN A 516 9.05 -10.69 5.77
CA ASN A 516 7.70 -10.09 5.59
C ASN A 516 6.64 -11.18 5.83
N PHE A 517 6.17 -11.29 7.07
CA PHE A 517 5.21 -12.33 7.52
C PHE A 517 4.69 -11.95 8.92
N HIS A 518 3.59 -12.58 9.33
CA HIS A 518 2.90 -12.35 10.62
C HIS A 518 2.78 -13.69 11.36
N GLN A 519 3.42 -13.83 12.53
CA GLN A 519 3.27 -15.02 13.40
C GLN A 519 1.91 -14.95 14.08
N LEU A 520 1.02 -15.92 13.79
CA LEU A 520 -0.40 -15.91 14.23
C LEU A 520 -0.54 -16.52 15.63
N SER A 521 0.53 -17.08 16.20
CA SER A 521 0.51 -17.74 17.52
C SER A 521 1.95 -18.09 17.95
N ALA A 522 2.16 -18.30 19.26
CA ALA A 522 3.47 -18.68 19.85
C ALA A 522 3.83 -20.08 19.35
N PRO A 523 5.13 -20.34 19.04
CA PRO A 523 5.54 -21.68 18.62
C PRO A 523 5.30 -22.69 19.76
N GLN A 524 4.80 -23.87 19.41
CA GLN A 524 4.68 -25.04 20.32
C GLN A 524 5.59 -26.14 19.80
N PRO A 525 6.07 -27.06 20.67
CA PRO A 525 6.96 -28.14 20.23
C PRO A 525 6.17 -29.17 19.40
N CYS A 526 6.85 -29.87 18.50
CA CYS A 526 6.23 -30.78 17.49
C CYS A 526 6.75 -32.20 17.69
N PHE A 527 8.05 -32.42 17.44
CA PHE A 527 8.73 -33.74 17.50
C PHE A 527 9.98 -33.61 18.37
N THR A 528 10.24 -34.61 19.22
CA THR A 528 11.41 -34.66 20.14
C THR A 528 12.12 -36.01 19.98
N PHE A 529 13.45 -35.99 19.89
CA PHE A 529 14.33 -37.17 19.84
C PHE A 529 15.41 -37.07 20.93
N SER A 530 15.65 -38.18 21.62
CA SER A 530 16.69 -38.39 22.66
C SER A 530 17.78 -39.31 22.11
N HIS A 531 19.05 -39.07 22.46
CA HIS A 531 20.22 -39.91 22.09
C HIS A 531 21.15 -40.12 23.28
N PRO A 532 21.56 -41.38 23.60
CA PRO A 532 21.08 -42.57 22.91
C PRO A 532 19.61 -42.87 23.20
N ASN A 533 18.97 -43.62 22.30
CA ASN A 533 17.57 -44.11 22.44
C ASN A 533 17.63 -45.60 22.79
N ARG A 534 17.37 -45.92 24.06
CA ARG A 534 17.57 -47.28 24.67
C ARG A 534 16.30 -48.12 24.50
N ASP A 535 15.18 -47.49 24.14
CA ASP A 535 13.87 -48.11 23.79
C ASP A 535 14.13 -49.44 23.08
N PRO A 536 13.50 -50.58 23.50
CA PRO A 536 13.81 -51.88 22.91
C PRO A 536 13.40 -51.92 21.43
N MET A 537 12.22 -51.38 21.12
CA MET A 537 11.64 -51.29 19.76
C MET A 537 11.66 -49.82 19.32
N ILE A 538 12.79 -49.36 18.76
CA ILE A 538 13.01 -47.95 18.33
C ILE A 538 12.07 -47.66 17.14
N ASP A 539 11.18 -46.68 17.29
CA ASP A 539 10.33 -46.15 16.18
C ASP A 539 10.52 -44.63 16.09
N ASN A 540 10.97 -44.15 14.93
CA ASN A 540 11.35 -42.73 14.67
C ASN A 540 10.21 -42.02 13.93
N ASN A 541 9.10 -42.73 13.66
CA ASN A 541 7.84 -42.15 13.13
C ASN A 541 7.09 -41.43 14.25
N ARG A 542 6.16 -40.54 13.89
CA ARG A 542 5.49 -39.62 14.82
C ARG A 542 4.15 -39.14 14.23
N TYR A 543 3.20 -38.87 15.13
CA TYR A 543 1.94 -38.12 14.91
C TYR A 543 1.81 -37.12 16.06
N CYS A 544 1.54 -35.86 15.72
CA CYS A 544 1.56 -34.72 16.67
C CYS A 544 0.44 -33.74 16.29
N THR A 545 -0.61 -33.68 17.12
CA THR A 545 -1.77 -32.77 16.96
C THR A 545 -1.46 -31.48 17.72
N LEU A 546 -1.56 -30.33 17.05
CA LEU A 546 -1.25 -29.01 17.66
C LEU A 546 -2.45 -28.08 17.51
N GLU A 547 -2.76 -27.33 18.58
CA GLU A 547 -3.86 -26.34 18.63
C GLU A 547 -3.25 -24.97 18.91
N PHE A 548 -3.41 -24.05 17.95
CA PHE A 548 -2.84 -22.68 17.96
C PHE A 548 -3.94 -21.67 18.25
N PRO A 549 -4.09 -21.21 19.51
CA PRO A 549 -5.04 -20.14 19.85
C PRO A 549 -4.67 -18.86 19.12
N VAL A 550 -5.55 -18.38 18.24
CA VAL A 550 -5.36 -17.16 17.39
C VAL A 550 -6.28 -16.06 17.92
N GLU A 551 -5.71 -14.89 18.21
CA GLU A 551 -6.42 -13.75 18.85
C GLU A 551 -6.39 -12.54 17.92
N VAL A 552 -6.51 -12.80 16.62
CA VAL A 552 -6.56 -11.77 15.53
C VAL A 552 -7.30 -12.39 14.34
N ASN A 553 -7.82 -11.54 13.44
CA ASN A 553 -8.39 -11.95 12.13
C ASN A 553 -7.25 -11.98 11.11
N THR A 554 -7.19 -13.01 10.27
CA THR A 554 -6.06 -13.16 9.31
C THR A 554 -6.31 -14.32 8.36
N VAL A 555 -5.28 -14.60 7.55
CA VAL A 555 -5.24 -15.70 6.56
C VAL A 555 -3.96 -16.52 6.79
N LEU A 556 -4.14 -17.83 6.92
CA LEU A 556 -3.03 -18.80 7.12
C LEU A 556 -2.43 -19.15 5.76
N HIS A 557 -1.11 -19.10 5.65
CA HIS A 557 -0.36 -19.37 4.39
C HIS A 557 0.60 -20.56 4.59
N GLY A 558 1.06 -20.80 5.83
CA GLY A 558 1.86 -21.99 6.17
C GLY A 558 2.27 -22.02 7.63
N PHE A 559 3.22 -22.89 7.98
CA PHE A 559 3.80 -23.04 9.34
C PHE A 559 5.32 -22.88 9.26
N ALA A 560 5.84 -21.89 9.98
CA ALA A 560 7.28 -21.74 10.30
C ALA A 560 7.72 -22.88 11.22
N GLY A 561 8.80 -23.56 10.88
CA GLY A 561 9.49 -24.53 11.75
C GLY A 561 10.79 -23.96 12.28
N TYR A 562 11.08 -24.21 13.55
CA TYR A 562 12.36 -23.91 14.24
C TYR A 562 12.75 -25.17 15.01
N PHE A 563 13.81 -25.11 15.82
CA PHE A 563 14.22 -26.19 16.74
C PHE A 563 15.02 -25.61 17.91
N GLU A 564 15.03 -26.33 19.03
CA GLU A 564 16.06 -26.23 20.09
C GLU A 564 16.72 -27.59 20.24
N THR A 565 17.97 -27.63 20.70
CA THR A 565 18.73 -28.87 21.00
C THR A 565 19.53 -28.69 22.28
N VAL A 566 19.52 -29.72 23.13
CA VAL A 566 20.41 -29.84 24.32
C VAL A 566 21.67 -30.60 23.87
N LEU A 567 22.81 -29.91 23.81
CA LEU A 567 24.13 -30.53 23.52
C LEU A 567 24.55 -31.34 24.75
N TYR A 568 24.65 -30.67 25.90
CA TYR A 568 24.96 -31.28 27.23
C TYR A 568 24.41 -30.38 28.33
N GLN A 569 23.68 -30.98 29.28
CA GLN A 569 23.11 -30.32 30.48
C GLN A 569 22.47 -28.98 30.07
N ASP A 570 23.06 -27.85 30.46
CA ASP A 570 22.44 -26.50 30.31
C ASP A 570 23.10 -25.75 29.15
N ILE A 571 23.86 -26.45 28.29
CA ILE A 571 24.44 -25.89 27.04
C ILE A 571 23.49 -26.23 25.89
N THR A 572 22.96 -25.21 25.21
CA THR A 572 21.83 -25.33 24.26
C THR A 572 22.04 -24.45 23.03
N LEU A 573 21.52 -24.92 21.89
CA LEU A 573 21.31 -24.12 20.65
C LEU A 573 19.80 -24.05 20.39
N SER A 574 19.34 -22.90 19.90
CA SER A 574 17.93 -22.61 19.54
C SER A 574 17.89 -21.66 18.33
N ILE A 575 16.92 -21.84 17.44
CA ILE A 575 16.51 -20.82 16.43
C ILE A 575 15.05 -20.41 16.65
N ARG A 576 14.41 -20.97 17.69
CA ARG A 576 13.11 -20.48 18.25
C ARG A 576 13.29 -19.01 18.60
N PRO A 577 12.58 -18.07 17.93
CA PRO A 577 12.83 -16.63 18.10
C PRO A 577 12.94 -16.17 19.56
N GLU A 578 12.11 -16.74 20.45
CA GLU A 578 12.04 -16.41 21.89
C GLU A 578 13.38 -16.70 22.56
N THR A 579 13.90 -17.91 22.38
CA THR A 579 15.10 -18.46 23.09
C THR A 579 16.31 -18.48 22.14
N HIS A 580 16.23 -17.75 21.02
CA HIS A 580 17.22 -17.79 19.91
C HIS A 580 18.62 -17.52 20.46
N SER A 581 19.56 -18.45 20.21
CA SER A 581 21.00 -18.31 20.55
C SER A 581 21.54 -17.05 19.87
N PRO A 582 21.98 -16.01 20.61
CA PRO A 582 22.32 -14.72 19.99
C PRO A 582 23.58 -14.78 19.11
N GLY A 583 23.50 -14.22 17.91
CA GLY A 583 24.62 -14.08 16.95
C GLY A 583 25.05 -15.42 16.36
N MET A 584 24.11 -16.36 16.22
CA MET A 584 24.34 -17.71 15.63
C MET A 584 23.55 -17.81 14.32
N PHE A 585 24.25 -18.01 13.20
CA PHE A 585 23.69 -17.81 11.84
C PHE A 585 24.04 -19.01 10.94
N SER A 586 23.85 -20.24 11.46
CA SER A 586 24.09 -21.53 10.76
C SER A 586 22.78 -22.11 10.20
N TRP A 587 21.63 -21.64 10.70
CA TRP A 587 20.28 -22.16 10.33
C TRP A 587 19.32 -20.98 10.09
N PHE A 588 18.53 -21.05 9.01
CA PHE A 588 17.30 -20.24 8.82
C PHE A 588 16.11 -21.10 9.21
N PRO A 589 14.94 -20.49 9.51
CA PRO A 589 13.71 -21.24 9.75
C PRO A 589 13.31 -22.03 8.50
N ILE A 590 12.57 -23.13 8.71
CA ILE A 590 11.93 -23.91 7.62
C ILE A 590 10.48 -23.40 7.49
N LEU A 591 9.89 -23.53 6.30
CA LEU A 591 8.49 -23.13 6.01
C LEU A 591 7.75 -24.32 5.39
N PHE A 592 6.67 -24.76 6.03
CA PHE A 592 5.71 -25.76 5.50
C PHE A 592 4.50 -25.01 4.94
N PRO A 593 4.36 -24.89 3.60
CA PRO A 593 3.26 -24.15 3.00
C PRO A 593 1.98 -25.00 2.95
N ILE A 594 0.84 -24.37 2.68
CA ILE A 594 -0.46 -25.05 2.42
C ILE A 594 -1.06 -24.53 1.10
N LYS A 595 -1.51 -25.45 0.24
CA LYS A 595 -2.06 -25.22 -1.12
C LYS A 595 -3.03 -24.03 -1.13
N GLN A 596 -4.04 -24.07 -0.25
CA GLN A 596 -5.15 -23.09 -0.22
C GLN A 596 -5.11 -22.31 1.09
N PRO A 597 -5.04 -20.96 1.03
CA PRO A 597 -5.10 -20.13 2.23
C PRO A 597 -6.40 -20.36 3.00
N ILE A 598 -6.35 -20.25 4.32
CA ILE A 598 -7.49 -20.53 5.25
C ILE A 598 -7.74 -19.29 6.11
N THR A 599 -8.93 -18.70 6.00
CA THR A 599 -9.40 -17.57 6.83
C THR A 599 -9.44 -18.01 8.30
N VAL A 600 -8.88 -17.21 9.20
CA VAL A 600 -8.91 -17.44 10.67
C VAL A 600 -9.43 -16.17 11.34
N ARG A 601 -10.56 -16.29 12.05
CA ARG A 601 -11.23 -15.18 12.78
C ARG A 601 -10.72 -15.14 14.22
N GLU A 602 -10.58 -13.93 14.77
CA GLU A 602 -10.26 -13.65 16.19
C GLU A 602 -11.02 -14.64 17.08
N GLY A 603 -10.29 -15.39 17.92
CA GLY A 603 -10.85 -16.34 18.90
C GLY A 603 -10.78 -17.78 18.43
N GLN A 604 -10.75 -18.01 17.11
CA GLN A 604 -10.67 -19.36 16.50
C GLN A 604 -9.32 -19.99 16.82
N THR A 605 -9.31 -21.31 16.98
CA THR A 605 -8.11 -22.16 17.19
C THR A 605 -7.71 -22.78 15.85
N ILE A 606 -6.48 -22.54 15.40
CA ILE A 606 -5.86 -23.29 14.28
C ILE A 606 -5.34 -24.62 14.84
N CYS A 607 -5.84 -25.74 14.33
CA CYS A 607 -5.37 -27.11 14.68
C CYS A 607 -4.62 -27.71 13.48
N VAL A 608 -3.30 -27.88 13.60
CA VAL A 608 -2.48 -28.57 12.56
C VAL A 608 -2.04 -29.93 13.09
N ARG A 609 -1.95 -30.90 12.18
CA ARG A 609 -1.48 -32.29 12.41
C ARG A 609 -0.24 -32.51 11.54
N PHE A 610 0.88 -32.92 12.15
CA PHE A 610 2.12 -33.31 11.44
C PHE A 610 2.44 -34.78 11.72
N TRP A 611 2.76 -35.53 10.66
CA TRP A 611 3.31 -36.90 10.74
C TRP A 611 4.76 -36.89 10.25
N ARG A 612 5.65 -37.58 10.95
CA ARG A 612 6.96 -38.08 10.43
C ARG A 612 6.74 -39.53 10.00
N CYS A 613 7.05 -39.86 8.74
CA CYS A 613 6.79 -41.18 8.12
C CYS A 613 8.11 -41.72 7.57
N SER A 614 8.19 -43.03 7.24
CA SER A 614 9.45 -43.66 6.79
C SER A 614 9.23 -44.99 6.05
N ASN A 615 10.13 -45.25 5.10
CA ASN A 615 10.47 -46.58 4.53
C ASN A 615 11.83 -47.04 5.07
N SER A 616 12.33 -48.14 4.52
CA SER A 616 13.76 -48.53 4.41
C SER A 616 14.57 -47.44 3.68
N LYS A 617 14.00 -46.82 2.65
CA LYS A 617 14.72 -45.93 1.69
C LYS A 617 14.50 -44.44 2.02
N LYS A 618 13.26 -44.03 2.32
CA LYS A 618 12.84 -42.60 2.46
C LYS A 618 12.34 -42.29 3.88
N VAL A 619 12.42 -41.01 4.26
CA VAL A 619 11.77 -40.38 5.45
C VAL A 619 11.10 -39.11 4.95
N TRP A 620 9.92 -38.74 5.49
CA TRP A 620 9.18 -37.53 5.03
C TRP A 620 8.13 -37.08 6.05
N TYR A 621 7.60 -35.88 5.82
CA TYR A 621 6.49 -35.26 6.58
C TYR A 621 5.23 -35.21 5.71
N GLU A 622 4.12 -35.73 6.23
CA GLU A 622 2.73 -35.42 5.81
C GLU A 622 2.20 -34.39 6.82
N TRP A 623 1.29 -33.51 6.43
CA TRP A 623 0.68 -32.52 7.37
C TRP A 623 -0.69 -32.05 6.87
N ALA A 624 -1.55 -31.61 7.79
CA ALA A 624 -2.94 -31.19 7.52
C ALA A 624 -3.44 -30.23 8.61
N VAL A 625 -4.12 -29.18 8.18
CA VAL A 625 -4.95 -28.25 9.01
C VAL A 625 -6.32 -28.90 9.17
N THR A 626 -6.82 -29.05 10.40
CA THR A 626 -8.12 -29.72 10.72
C THR A 626 -9.14 -28.71 11.28
N ALA A 627 -8.68 -27.54 11.73
CA ALA A 627 -9.53 -26.45 12.27
C ALA A 627 -8.90 -25.10 11.97
N PRO A 628 -9.68 -24.02 11.76
CA PRO A 628 -11.16 -24.06 11.84
C PRO A 628 -11.88 -24.73 10.65
N VAL A 629 -11.20 -24.89 9.52
CA VAL A 629 -11.62 -25.73 8.35
C VAL A 629 -10.54 -26.80 8.17
N CYS A 630 -10.84 -27.89 7.44
CA CYS A 630 -9.84 -28.92 7.06
C CYS A 630 -9.16 -28.55 5.75
N SER A 631 -7.87 -28.86 5.64
CA SER A 631 -7.08 -28.82 4.38
C SER A 631 -7.05 -30.21 3.77
N ALA A 632 -6.54 -30.33 2.55
CA ALA A 632 -6.03 -31.60 1.98
C ALA A 632 -4.82 -32.02 2.82
N ILE A 633 -4.59 -33.33 2.96
CA ILE A 633 -3.34 -33.88 3.56
C ILE A 633 -2.20 -33.60 2.57
N HIS A 634 -1.17 -32.89 3.03
CA HIS A 634 -0.02 -32.46 2.21
C HIS A 634 1.04 -33.56 2.16
N ASN A 635 1.51 -33.88 0.95
CA ASN A 635 2.67 -34.77 0.69
C ASN A 635 2.37 -36.19 1.17
N PRO A 636 1.19 -36.77 0.89
CA PRO A 636 0.92 -38.17 1.22
C PRO A 636 1.90 -39.11 0.49
N THR A 637 2.53 -40.04 1.23
CA THR A 637 3.47 -41.05 0.68
C THR A 637 4.72 -40.36 0.12
N GLY A 638 5.09 -39.20 0.69
CA GLY A 638 6.22 -38.37 0.24
C GLY A 638 6.25 -38.22 -1.28
N ARG A 639 5.08 -38.11 -1.93
CA ARG A 639 4.95 -38.06 -3.40
C ARG A 639 5.66 -36.81 -3.96
N SER A 640 5.60 -35.69 -3.24
CA SER A 640 6.15 -34.37 -3.66
C SER A 640 7.54 -34.14 -3.05
N TYR A 641 7.82 -34.74 -1.89
CA TYR A 641 9.03 -34.48 -1.09
C TYR A 641 9.38 -35.69 -0.22
N THR A 642 10.62 -36.17 -0.34
CA THR A 642 11.21 -37.21 0.54
C THR A 642 12.64 -36.82 0.91
N ILE A 643 13.16 -37.45 1.95
CA ILE A 643 14.55 -37.28 2.46
C ILE A 643 15.22 -38.65 2.40
N GLY A 644 16.26 -38.77 1.56
CA GLY A 644 16.92 -40.06 1.28
C GLY A 644 17.69 -40.57 2.48
N LEU A 645 17.54 -41.85 2.82
CA LEU A 645 18.39 -42.57 3.81
C LEU A 645 19.69 -43.00 3.14
N LEU B 27 -4.10 43.21 -28.65
CA LEU B 27 -4.47 42.69 -27.29
C LEU B 27 -3.77 43.52 -26.21
N PRO B 28 -4.30 43.58 -24.97
CA PRO B 28 -3.73 44.41 -23.90
C PRO B 28 -2.36 43.96 -23.40
N PRO B 29 -1.68 44.75 -22.51
CA PRO B 29 -0.35 44.39 -22.02
C PRO B 29 -0.44 43.26 -20.99
N ASN B 30 0.44 42.25 -21.10
CA ASN B 30 0.57 41.14 -20.13
C ASN B 30 -0.65 40.20 -20.25
N ALA B 31 -1.37 40.28 -21.37
CA ALA B 31 -2.51 39.39 -21.73
C ALA B 31 -2.00 38.31 -22.68
N PRO B 32 -2.10 37.00 -22.35
CA PRO B 32 -1.59 35.95 -23.22
C PRO B 32 -2.06 36.06 -24.67
N ALA B 33 -1.21 35.65 -25.60
CA ALA B 33 -1.45 35.65 -27.06
C ALA B 33 -2.56 34.64 -27.40
N CYS B 34 -2.57 33.48 -26.74
CA CYS B 34 -3.49 32.35 -27.01
C CYS B 34 -4.29 32.00 -25.75
N MET B 35 -5.61 31.85 -25.88
CA MET B 35 -6.54 31.43 -24.80
C MET B 35 -6.67 29.90 -24.82
N GLU B 36 -6.43 29.27 -23.67
CA GLU B 36 -6.44 27.80 -23.47
C GLU B 36 -7.80 27.24 -23.90
N ARG B 37 -7.81 26.03 -24.48
CA ARG B 37 -8.95 25.43 -25.23
C ARG B 37 -10.19 25.31 -24.34
N GLN B 38 -10.03 24.79 -23.12
CA GLN B 38 -11.16 24.30 -22.28
C GLN B 38 -11.69 25.43 -21.39
N LEU B 39 -12.78 26.06 -21.81
CA LEU B 39 -13.51 27.13 -21.08
C LEU B 39 -14.28 26.50 -19.92
N GLU B 40 -13.94 26.85 -18.67
CA GLU B 40 -14.56 26.26 -17.45
C GLU B 40 -15.63 27.20 -16.90
N ALA B 41 -15.34 28.51 -16.80
CA ALA B 41 -16.18 29.51 -16.10
C ALA B 41 -16.64 30.63 -17.06
N ALA B 42 -17.86 31.14 -16.83
CA ALA B 42 -18.51 32.25 -17.58
C ALA B 42 -19.44 33.01 -16.63
N ARG B 43 -19.00 34.16 -16.11
CA ARG B 43 -19.75 34.96 -15.10
C ARG B 43 -19.86 36.43 -15.56
N TYR B 44 -21.09 36.94 -15.70
CA TYR B 44 -21.39 38.39 -15.91
C TYR B 44 -21.26 39.16 -14.59
N ARG B 45 -20.59 40.30 -14.64
CA ARG B 45 -20.61 41.37 -13.58
C ARG B 45 -21.94 42.10 -13.69
N SER B 46 -22.30 42.92 -12.69
CA SER B 46 -23.56 43.72 -12.66
C SER B 46 -23.66 44.63 -13.89
N ASP B 47 -22.52 45.10 -14.41
CA ASP B 47 -22.42 46.16 -15.46
C ASP B 47 -22.41 45.56 -16.87
N GLY B 48 -22.48 44.22 -17.01
CA GLY B 48 -22.67 43.55 -18.32
C GLY B 48 -21.39 42.95 -18.91
N ALA B 49 -20.23 43.18 -18.29
CA ALA B 49 -18.91 42.63 -18.70
C ALA B 49 -18.88 41.12 -18.42
N LEU B 50 -18.13 40.34 -19.22
CA LEU B 50 -18.05 38.86 -19.13
C LEU B 50 -16.70 38.42 -18.56
N LEU B 51 -16.71 37.67 -17.46
CA LEU B 51 -15.52 36.96 -16.92
C LEU B 51 -15.45 35.57 -17.54
N LEU B 52 -14.27 35.20 -18.07
CA LEU B 52 -13.96 33.83 -18.58
C LEU B 52 -12.74 33.28 -17.83
N GLY B 53 -12.89 32.08 -17.27
CA GLY B 53 -11.77 31.21 -16.85
C GLY B 53 -11.63 30.06 -17.83
N ALA B 54 -10.40 29.60 -18.07
CA ALA B 54 -10.10 28.52 -19.03
C ALA B 54 -8.87 27.74 -18.58
N SER B 55 -8.90 26.42 -18.72
CA SER B 55 -7.77 25.50 -18.44
C SER B 55 -7.30 24.84 -19.73
N SER B 56 -6.00 24.55 -19.80
CA SER B 56 -5.37 23.62 -20.76
C SER B 56 -5.40 22.21 -20.16
N LEU B 57 -6.29 21.34 -20.65
CA LEU B 57 -6.53 19.98 -20.09
C LEU B 57 -5.78 18.91 -20.90
N SER B 58 -5.02 19.30 -21.92
CA SER B 58 -4.17 18.41 -22.75
C SER B 58 -3.00 19.20 -23.34
N GLY B 59 -2.02 18.50 -23.92
CA GLY B 59 -0.81 19.12 -24.53
C GLY B 59 0.28 19.37 -23.50
N ARG B 60 1.42 19.91 -23.95
CA ARG B 60 2.68 20.04 -23.17
C ARG B 60 2.40 20.69 -21.80
N CYS B 61 1.68 21.81 -21.80
CA CYS B 61 1.59 22.78 -20.67
C CYS B 61 0.16 22.80 -20.12
N TRP B 62 -0.02 22.37 -18.86
CA TRP B 62 -1.33 22.17 -18.19
C TRP B 62 -1.57 23.32 -17.21
N ALA B 63 -2.30 24.34 -17.65
CA ALA B 63 -2.41 25.65 -16.97
C ALA B 63 -3.76 26.27 -17.29
N GLY B 64 -3.92 27.55 -16.96
CA GLY B 64 -5.18 28.29 -17.14
C GLY B 64 -4.95 29.78 -17.22
N SER B 65 -6.04 30.53 -17.34
CA SER B 65 -6.03 31.97 -17.64
C SER B 65 -7.37 32.61 -17.27
N LEU B 66 -7.33 33.90 -16.97
CA LEU B 66 -8.51 34.74 -16.65
C LEU B 66 -8.63 35.82 -17.73
N TRP B 67 -9.86 36.13 -18.16
CA TRP B 67 -10.16 37.10 -19.26
C TRP B 67 -11.37 37.95 -18.88
N LEU B 68 -11.22 39.28 -18.91
CA LEU B 68 -12.36 40.23 -18.82
C LEU B 68 -12.70 40.69 -20.24
N PHE B 69 -13.99 40.55 -20.60
CA PHE B 69 -14.57 40.96 -21.92
C PHE B 69 -15.69 41.97 -21.69
N LYS B 70 -15.36 43.26 -21.71
CA LYS B 70 -16.34 44.39 -21.71
C LYS B 70 -17.23 44.26 -22.95
N ASP B 71 -16.74 43.62 -24.01
CA ASP B 71 -17.53 43.19 -25.21
C ASP B 71 -17.86 41.70 -25.07
N PRO B 72 -19.10 41.33 -24.69
CA PRO B 72 -19.45 39.92 -24.51
C PRO B 72 -19.57 39.13 -25.83
N CYS B 73 -19.74 39.82 -26.96
CA CYS B 73 -19.94 39.24 -28.31
C CYS B 73 -18.59 39.00 -29.00
N ALA B 74 -17.49 39.53 -28.46
CA ALA B 74 -16.12 39.44 -29.02
C ALA B 74 -15.36 38.25 -28.44
N ALA B 75 -15.88 37.61 -27.38
CA ALA B 75 -15.34 36.35 -26.81
C ALA B 75 -15.78 35.19 -27.70
N PRO B 76 -14.96 34.12 -27.87
CA PRO B 76 -13.71 33.93 -27.12
C PRO B 76 -12.43 34.65 -27.59
N ASN B 77 -12.51 35.49 -28.64
CA ASN B 77 -11.34 36.01 -29.38
C ASN B 77 -10.43 36.85 -28.48
N GLU B 78 -9.13 36.49 -28.41
CA GLU B 78 -8.12 37.03 -27.45
C GLU B 78 -7.72 38.48 -27.79
N GLY B 79 -7.93 38.91 -29.04
CA GLY B 79 -7.50 40.22 -29.55
C GLY B 79 -8.38 41.35 -29.04
N PHE B 80 -9.70 41.15 -29.10
CA PHE B 80 -10.74 42.13 -28.70
C PHE B 80 -11.26 41.79 -27.30
N CYS B 81 -10.35 41.76 -26.33
CA CYS B 81 -10.63 41.62 -24.87
C CYS B 81 -10.00 42.81 -24.13
N SER B 82 -10.59 43.19 -22.99
CA SER B 82 -10.19 44.36 -22.16
C SER B 82 -8.94 44.02 -21.33
N ALA B 83 -8.89 42.80 -20.79
CA ALA B 83 -7.78 42.31 -19.93
C ALA B 83 -7.72 40.77 -19.97
N GLY B 84 -6.55 40.22 -19.64
CA GLY B 84 -6.30 38.77 -19.48
C GLY B 84 -5.02 38.50 -18.69
N VAL B 85 -4.88 37.31 -18.10
CA VAL B 85 -3.64 36.91 -17.36
C VAL B 85 -3.45 35.39 -17.39
N GLN B 86 -2.18 34.97 -17.26
CA GLN B 86 -1.70 33.57 -17.13
C GLN B 86 -1.66 33.18 -15.65
N THR B 87 -2.32 32.07 -15.27
CA THR B 87 -2.24 31.44 -13.92
C THR B 87 -1.23 30.29 -13.97
N GLU B 88 -0.47 30.07 -12.88
CA GLU B 88 0.49 28.95 -12.74
C GLU B 88 -0.15 27.64 -13.22
N ALA B 89 -1.42 27.43 -12.87
CA ALA B 89 -2.14 26.14 -13.03
C ALA B 89 -3.57 26.39 -13.51
N GLY B 90 -4.24 25.30 -13.91
CA GLY B 90 -5.63 25.30 -14.42
C GLY B 90 -6.61 25.83 -13.39
N VAL B 91 -7.78 26.29 -13.84
CA VAL B 91 -8.87 26.84 -12.99
C VAL B 91 -10.06 25.87 -13.07
N ALA B 92 -10.48 25.33 -11.92
CA ALA B 92 -11.57 24.33 -11.80
C ALA B 92 -12.91 25.05 -11.62
N ASP B 93 -12.93 26.12 -10.81
CA ASP B 93 -14.12 26.99 -10.64
C ASP B 93 -13.67 28.44 -10.45
N LEU B 94 -14.62 29.36 -10.60
CA LEU B 94 -14.40 30.83 -10.66
C LEU B 94 -15.62 31.53 -10.09
N THR B 95 -15.43 32.66 -9.41
CA THR B 95 -16.54 33.54 -8.95
C THR B 95 -16.02 34.97 -8.77
N TRP B 96 -16.86 35.93 -9.16
CA TRP B 96 -16.71 37.38 -8.85
C TRP B 96 -16.75 37.57 -7.33
N VAL B 97 -15.84 38.37 -6.78
CA VAL B 97 -15.97 39.02 -5.44
C VAL B 97 -16.36 40.48 -5.68
N GLY B 98 -17.66 40.74 -5.77
CA GLY B 98 -18.23 42.10 -5.95
C GLY B 98 -18.10 42.58 -7.39
N GLU B 99 -17.16 43.51 -7.64
CA GLU B 99 -17.02 44.27 -8.91
C GLU B 99 -15.60 44.13 -9.47
N ARG B 100 -14.57 44.21 -8.63
CA ARG B 100 -13.13 44.20 -9.03
C ARG B 100 -12.43 42.89 -8.65
N GLY B 101 -13.04 42.06 -7.80
CA GLY B 101 -12.41 40.84 -7.25
C GLY B 101 -12.76 39.61 -8.06
N ILE B 102 -11.78 38.72 -8.28
CA ILE B 102 -11.97 37.42 -9.00
C ILE B 102 -11.36 36.30 -8.13
N LEU B 103 -12.20 35.35 -7.70
CA LEU B 103 -11.80 34.24 -6.79
C LEU B 103 -11.72 32.93 -7.58
N VAL B 104 -10.59 32.22 -7.47
CA VAL B 104 -10.18 31.13 -8.39
C VAL B 104 -9.88 29.86 -7.59
N ALA B 105 -10.47 28.74 -8.01
CA ALA B 105 -10.19 27.37 -7.50
C ALA B 105 -9.16 26.71 -8.44
N SER B 106 -7.89 26.69 -8.03
CA SER B 106 -6.76 26.16 -8.82
C SER B 106 -6.62 24.64 -8.59
N ASP B 107 -6.10 23.93 -9.60
CA ASP B 107 -5.62 22.53 -9.50
C ASP B 107 -4.52 22.42 -8.45
N SER B 108 -3.76 23.51 -8.24
CA SER B 108 -2.53 23.57 -7.41
C SER B 108 -2.82 23.25 -5.94
N GLY B 109 -4.09 23.21 -5.54
CA GLY B 109 -4.51 23.09 -4.12
C GLY B 109 -4.69 24.47 -3.51
N ALA B 110 -4.54 25.52 -4.32
CA ALA B 110 -4.64 26.94 -3.90
C ALA B 110 -6.01 27.51 -4.28
N VAL B 111 -6.53 28.36 -3.39
CA VAL B 111 -7.53 29.42 -3.71
C VAL B 111 -6.74 30.71 -3.92
N GLU B 112 -6.79 31.29 -5.12
CA GLU B 112 -6.07 32.57 -5.44
C GLU B 112 -7.11 33.66 -5.72
N LEU B 113 -6.84 34.87 -5.20
CA LEU B 113 -7.69 36.08 -5.38
C LEU B 113 -6.95 37.07 -6.27
N TRP B 114 -7.48 37.33 -7.47
CA TRP B 114 -6.92 38.25 -8.49
C TRP B 114 -7.68 39.58 -8.43
N GLU B 115 -7.00 40.63 -7.97
CA GLU B 115 -7.53 42.03 -7.96
C GLU B 115 -7.46 42.60 -9.38
N LEU B 116 -8.49 43.33 -9.79
CA LEU B 116 -8.59 44.01 -11.10
C LEU B 116 -7.95 45.40 -10.98
N ASP B 117 -7.40 45.92 -12.08
CA ASP B 117 -6.65 47.21 -12.14
C ASP B 117 -7.62 48.39 -11.97
N GLU B 118 -7.07 49.55 -11.59
CA GLU B 118 -7.76 50.87 -11.56
C GLU B 118 -8.48 51.10 -12.89
N ASN B 119 -7.72 51.09 -14.00
CA ASN B 119 -8.21 51.34 -15.38
C ASN B 119 -8.93 50.08 -15.90
N GLU B 120 -8.68 48.94 -15.25
CA GLU B 120 -9.22 47.60 -15.59
C GLU B 120 -8.58 47.14 -16.91
N THR B 121 -7.25 47.27 -17.01
CA THR B 121 -6.45 46.97 -18.22
C THR B 121 -5.52 45.78 -17.96
N LEU B 122 -5.06 45.56 -16.71
CA LEU B 122 -4.42 44.27 -16.31
C LEU B 122 -5.08 43.70 -15.05
N ILE B 123 -4.84 42.41 -14.82
CA ILE B 123 -5.37 41.56 -13.70
C ILE B 123 -4.16 41.09 -12.89
N VAL B 124 -4.05 41.51 -11.62
CA VAL B 124 -2.87 41.24 -10.74
C VAL B 124 -3.28 40.30 -9.61
N SER B 125 -2.40 39.36 -9.24
CA SER B 125 -2.56 38.44 -8.09
C SER B 125 -2.50 39.24 -6.78
N LYS B 126 -3.55 39.16 -5.96
CA LYS B 126 -3.63 39.82 -4.63
C LYS B 126 -3.15 38.82 -3.56
N PHE B 127 -3.69 37.61 -3.56
CA PHE B 127 -3.21 36.47 -2.72
C PHE B 127 -3.40 35.14 -3.46
N CYS B 128 -2.57 34.16 -3.10
CA CYS B 128 -2.52 32.78 -3.65
C CYS B 128 -2.04 31.82 -2.55
N LYS B 129 -2.97 31.13 -1.89
CA LYS B 129 -2.71 30.35 -0.64
C LYS B 129 -2.95 28.86 -0.90
N TYR B 130 -1.88 28.05 -0.76
CA TYR B 130 -1.88 26.58 -0.90
C TYR B 130 -2.28 25.95 0.44
N GLU B 131 -3.58 25.76 0.66
CA GLU B 131 -4.15 25.30 1.95
C GLU B 131 -4.78 23.90 1.80
N HIS B 132 -5.43 23.62 0.66
CA HIS B 132 -5.95 22.26 0.30
C HIS B 132 -4.78 21.36 -0.12
N ASP B 133 -4.97 20.04 -0.09
CA ASP B 133 -3.92 19.02 -0.34
C ASP B 133 -4.14 18.32 -1.70
N ASP B 134 -5.20 18.69 -2.41
CA ASP B 134 -5.57 18.14 -3.74
C ASP B 134 -6.29 19.25 -4.50
N ILE B 135 -6.65 19.03 -5.77
CA ILE B 135 -7.38 20.01 -6.63
C ILE B 135 -8.49 20.67 -5.81
N VAL B 136 -8.61 21.99 -5.90
CA VAL B 136 -9.76 22.78 -5.36
C VAL B 136 -10.83 22.79 -6.47
N SER B 137 -11.97 22.14 -6.23
CA SER B 137 -12.97 21.79 -7.29
C SER B 137 -14.13 22.80 -7.31
N THR B 138 -14.31 23.59 -6.25
CA THR B 138 -15.49 24.50 -6.10
C THR B 138 -15.19 25.61 -5.08
N VAL B 139 -15.62 26.83 -5.38
CA VAL B 139 -15.66 28.00 -4.44
C VAL B 139 -17.03 28.68 -4.58
N SER B 140 -17.40 29.43 -3.54
CA SER B 140 -18.65 30.23 -3.44
C SER B 140 -18.40 31.38 -2.48
N VAL B 141 -18.85 32.59 -2.83
CA VAL B 141 -18.73 33.80 -1.96
C VAL B 141 -20.00 33.86 -1.10
N LEU B 142 -19.82 34.09 0.20
CA LEU B 142 -20.92 34.18 1.19
C LEU B 142 -21.61 35.55 1.05
N SER B 143 -22.89 35.62 1.42
CA SER B 143 -23.80 36.79 1.21
C SER B 143 -23.14 38.12 1.61
N SER B 144 -22.26 38.13 2.63
CA SER B 144 -21.53 39.35 3.07
C SER B 144 -20.65 39.85 1.92
N GLY B 145 -19.77 38.99 1.40
CA GLY B 145 -18.76 39.32 0.38
C GLY B 145 -17.38 39.53 0.99
N THR B 146 -17.22 39.31 2.28
CA THR B 146 -15.92 39.41 3.02
C THR B 146 -15.34 38.01 3.26
N GLN B 147 -16.08 36.97 2.87
CA GLN B 147 -15.79 35.55 3.21
C GLN B 147 -16.24 34.63 2.06
N ALA B 148 -15.51 33.52 1.86
CA ALA B 148 -15.85 32.46 0.89
C ALA B 148 -15.57 31.08 1.50
N VAL B 149 -16.30 30.07 1.04
CA VAL B 149 -16.09 28.63 1.38
C VAL B 149 -15.64 27.91 0.10
N SER B 150 -14.55 27.14 0.20
CA SER B 150 -13.96 26.32 -0.90
C SER B 150 -14.23 24.85 -0.64
N GLY B 151 -14.27 24.05 -1.71
CA GLY B 151 -14.35 22.58 -1.69
C GLY B 151 -13.24 21.96 -2.52
N SER B 152 -12.65 20.86 -2.06
CA SER B 152 -11.47 20.23 -2.70
C SER B 152 -11.66 18.70 -2.81
N LYS B 153 -10.78 18.06 -3.59
CA LYS B 153 -10.73 16.59 -3.78
C LYS B 153 -10.07 15.94 -2.56
N ASP B 154 -9.43 16.75 -1.71
CA ASP B 154 -8.83 16.35 -0.42
C ASP B 154 -9.94 16.14 0.63
N ILE B 155 -11.21 16.39 0.26
CA ILE B 155 -12.44 16.03 1.05
C ILE B 155 -12.72 17.13 2.08
N CYS B 156 -11.78 18.05 2.30
CA CYS B 156 -11.92 19.22 3.21
C CYS B 156 -12.85 20.27 2.58
N ILE B 157 -13.60 20.97 3.43
CA ILE B 157 -14.28 22.27 3.12
C ILE B 157 -13.66 23.32 4.04
N LYS B 158 -13.37 24.51 3.52
CA LYS B 158 -12.71 25.61 4.28
C LYS B 158 -13.51 26.90 4.13
N VAL B 159 -13.50 27.75 5.15
CA VAL B 159 -14.10 29.10 5.13
C VAL B 159 -12.97 30.13 5.25
N TRP B 160 -12.90 31.06 4.29
CA TRP B 160 -11.81 32.03 4.10
C TRP B 160 -12.25 33.42 4.60
N ASP B 161 -11.31 34.20 5.14
CA ASP B 161 -11.43 35.68 5.28
C ASP B 161 -10.62 36.31 4.15
N LEU B 162 -11.31 36.91 3.17
CA LEU B 162 -10.71 37.46 1.92
C LEU B 162 -9.91 38.71 2.25
N ALA B 163 -10.38 39.49 3.22
CA ALA B 163 -9.68 40.66 3.80
C ALA B 163 -8.33 40.21 4.40
N GLN B 164 -8.35 39.25 5.32
CA GLN B 164 -7.17 38.82 6.12
C GLN B 164 -6.30 37.82 5.35
N GLN B 165 -6.84 37.19 4.30
CA GLN B 165 -6.12 36.23 3.41
C GLN B 165 -5.68 34.99 4.21
N VAL B 166 -6.54 34.46 5.08
CA VAL B 166 -6.26 33.23 5.88
C VAL B 166 -7.55 32.40 6.00
N VAL B 167 -7.38 31.11 6.32
CA VAL B 167 -8.49 30.13 6.54
C VAL B 167 -8.95 30.25 7.99
N LEU B 168 -10.23 30.59 8.20
CA LEU B 168 -10.86 30.69 9.55
C LEU B 168 -11.16 29.28 10.06
N SER B 169 -11.92 28.52 9.29
CA SER B 169 -12.41 27.15 9.63
C SER B 169 -11.91 26.13 8.60
N SER B 170 -11.70 24.88 9.05
CA SER B 170 -11.36 23.71 8.22
C SER B 170 -12.20 22.51 8.68
N TYR B 171 -13.05 21.97 7.80
CA TYR B 171 -14.04 20.91 8.12
C TYR B 171 -13.88 19.70 7.19
N ARG B 172 -13.59 18.52 7.75
CA ARG B 172 -13.70 17.20 7.09
C ARG B 172 -15.06 16.58 7.41
N ALA B 173 -16.14 17.10 6.83
CA ALA B 173 -17.52 16.58 7.02
C ALA B 173 -17.69 15.28 6.24
N HIS B 174 -16.98 15.14 5.11
CA HIS B 174 -17.26 14.17 4.02
C HIS B 174 -16.30 12.98 4.06
N ALA B 175 -16.59 11.96 3.25
CA ALA B 175 -15.86 10.67 3.14
C ALA B 175 -15.35 10.46 1.71
N ALA B 176 -15.30 11.54 0.91
CA ALA B 176 -15.07 11.51 -0.56
C ALA B 176 -14.91 12.94 -1.08
N GLN B 177 -14.37 13.10 -2.29
CA GLN B 177 -14.03 14.42 -2.89
C GLN B 177 -15.31 15.26 -2.99
N VAL B 178 -15.20 16.54 -2.62
CA VAL B 178 -16.34 17.51 -2.56
C VAL B 178 -16.61 18.01 -3.98
N THR B 179 -17.85 17.82 -4.46
CA THR B 179 -18.26 18.10 -5.86
C THR B 179 -18.63 19.58 -6.03
N CYS B 180 -19.21 20.20 -4.99
CA CYS B 180 -19.95 21.48 -5.10
C CYS B 180 -20.23 22.06 -3.71
N VAL B 181 -19.89 23.34 -3.50
CA VAL B 181 -20.26 24.15 -2.29
C VAL B 181 -20.96 25.42 -2.78
N ALA B 182 -22.17 25.71 -2.26
CA ALA B 182 -23.00 26.88 -2.64
C ALA B 182 -23.43 27.63 -1.38
N ALA B 183 -22.94 28.86 -1.20
CA ALA B 183 -23.33 29.82 -0.14
C ALA B 183 -24.82 30.17 -0.26
N SER B 184 -25.53 30.27 0.87
CA SER B 184 -26.92 30.79 0.91
C SER B 184 -26.91 32.23 0.42
N PRO B 185 -27.97 32.68 -0.30
CA PRO B 185 -28.05 34.03 -0.82
C PRO B 185 -27.87 35.13 0.23
N HIS B 186 -28.42 34.94 1.44
CA HIS B 186 -28.73 36.03 2.40
C HIS B 186 -28.12 35.81 3.79
N LYS B 187 -27.68 34.59 4.14
CA LYS B 187 -27.13 34.26 5.48
C LYS B 187 -25.64 33.92 5.33
N ASP B 188 -24.78 34.62 6.07
CA ASP B 188 -23.30 34.58 5.93
C ASP B 188 -22.71 33.32 6.59
N SER B 189 -23.55 32.52 7.25
CA SER B 189 -23.13 31.35 8.07
C SER B 189 -23.71 30.05 7.51
N VAL B 190 -24.45 30.11 6.40
CA VAL B 190 -25.16 28.94 5.78
C VAL B 190 -24.63 28.72 4.37
N PHE B 191 -24.40 27.46 4.01
CA PHE B 191 -24.10 26.99 2.63
C PHE B 191 -24.44 25.50 2.53
N LEU B 192 -24.89 25.08 1.35
CA LEU B 192 -25.00 23.64 0.97
C LEU B 192 -23.61 23.19 0.51
N SER B 193 -23.30 21.90 0.68
CA SER B 193 -22.21 21.18 -0.01
C SER B 193 -22.72 19.81 -0.43
N CYS B 194 -22.03 19.17 -1.37
CA CYS B 194 -22.34 17.78 -1.80
C CYS B 194 -21.07 17.10 -2.31
N SER B 195 -21.03 15.78 -2.19
CA SER B 195 -19.81 14.94 -2.31
C SER B 195 -20.16 13.63 -2.99
N GLU B 196 -19.14 12.90 -3.43
CA GLU B 196 -19.25 11.54 -4.03
C GLU B 196 -19.53 10.51 -2.94
N ASP B 197 -19.62 10.94 -1.67
CA ASP B 197 -20.05 10.10 -0.51
C ASP B 197 -21.58 10.10 -0.44
N ASN B 198 -22.27 10.76 -1.39
CA ASN B 198 -23.73 10.64 -1.65
C ASN B 198 -24.52 11.57 -0.70
N ARG B 199 -23.83 12.32 0.16
CA ARG B 199 -24.44 13.26 1.14
C ARG B 199 -24.62 14.64 0.51
N ILE B 200 -25.79 15.26 0.69
CA ILE B 200 -25.99 16.73 0.57
C ILE B 200 -26.04 17.30 2.00
N LEU B 201 -25.10 18.21 2.33
CA LEU B 201 -24.93 18.78 3.69
C LEU B 201 -25.39 20.25 3.72
N LEU B 202 -26.42 20.53 4.51
CA LEU B 202 -26.83 21.90 4.92
C LEU B 202 -25.97 22.33 6.10
N TRP B 203 -25.17 23.38 5.93
CA TRP B 203 -24.23 23.90 6.97
C TRP B 203 -24.87 25.08 7.71
N ASP B 204 -24.31 25.41 8.87
CA ASP B 204 -24.62 26.61 9.69
C ASP B 204 -23.51 26.76 10.73
N THR B 205 -22.56 27.66 10.51
CA THR B 205 -21.31 27.78 11.31
C THR B 205 -21.63 28.28 12.73
N ARG B 206 -22.91 28.49 13.06
CA ARG B 206 -23.37 28.95 14.41
C ARG B 206 -23.51 27.73 15.33
N CYS B 207 -24.02 26.60 14.82
CA CYS B 207 -24.13 25.31 15.55
C CYS B 207 -22.75 24.79 15.90
N PRO B 208 -22.58 24.05 17.02
CA PRO B 208 -21.28 23.51 17.41
C PRO B 208 -20.95 22.24 16.60
N LYS B 209 -21.98 21.56 16.09
CA LYS B 209 -21.89 20.59 14.97
C LYS B 209 -22.44 21.27 13.71
N PRO B 210 -21.60 22.04 12.98
CA PRO B 210 -22.06 22.90 11.89
C PRO B 210 -22.86 22.22 10.77
N ALA B 211 -22.55 20.97 10.43
CA ALA B 211 -23.14 20.25 9.28
C ALA B 211 -24.42 19.52 9.71
N SER B 212 -25.33 19.32 8.76
CA SER B 212 -26.60 18.54 8.95
C SER B 212 -26.98 17.87 7.63
N GLN B 213 -26.98 16.54 7.63
CA GLN B 213 -27.26 15.69 6.44
C GLN B 213 -28.77 15.66 6.17
N ILE B 214 -29.21 16.34 5.12
CA ILE B 214 -30.62 16.35 4.63
C ILE B 214 -30.65 15.55 3.32
N GLY B 215 -31.74 15.63 2.55
CA GLY B 215 -31.87 14.98 1.23
C GLY B 215 -32.90 13.86 1.25
N CYS B 216 -33.16 13.26 0.09
CA CYS B 216 -34.28 12.32 -0.20
C CYS B 216 -34.28 11.12 0.75
N SER B 217 -35.43 10.43 0.86
CA SER B 217 -35.69 9.26 1.74
C SER B 217 -34.57 8.22 1.57
N ALA B 218 -34.59 7.45 0.47
CA ALA B 218 -33.58 6.41 0.14
C ALA B 218 -32.34 7.07 -0.44
N PRO B 219 -31.12 6.63 -0.04
CA PRO B 219 -29.90 6.99 -0.77
C PRO B 219 -30.02 6.76 -2.29
N GLY B 220 -30.07 7.85 -3.07
CA GLY B 220 -30.20 7.84 -4.54
C GLY B 220 -28.87 8.00 -5.24
N TYR B 221 -28.87 8.56 -6.45
CA TYR B 221 -27.67 8.76 -7.30
C TYR B 221 -26.89 10.00 -6.82
N LEU B 222 -25.56 10.00 -6.99
CA LEU B 222 -24.63 11.01 -6.42
C LEU B 222 -25.03 12.41 -6.88
N PRO B 223 -25.00 13.41 -5.96
CA PRO B 223 -25.22 14.81 -6.34
C PRO B 223 -23.97 15.46 -6.96
N THR B 224 -24.17 16.34 -7.95
CA THR B 224 -23.10 16.89 -8.83
C THR B 224 -23.15 18.43 -8.93
N SER B 225 -24.21 19.08 -8.44
CA SER B 225 -24.43 20.55 -8.63
C SER B 225 -25.50 21.07 -7.67
N LEU B 226 -25.37 22.32 -7.21
CA LEU B 226 -26.27 22.97 -6.21
C LEU B 226 -26.54 24.43 -6.60
N ALA B 227 -27.83 24.81 -6.64
CA ALA B 227 -28.32 26.20 -6.78
C ALA B 227 -29.43 26.46 -5.76
N TRP B 228 -29.20 27.40 -4.83
CA TRP B 228 -30.27 27.99 -3.98
C TRP B 228 -31.28 28.71 -4.88
N HIS B 229 -32.55 28.76 -4.46
CA HIS B 229 -33.57 29.66 -5.05
C HIS B 229 -33.20 31.09 -4.63
N PRO B 230 -33.27 32.09 -5.53
CA PRO B 230 -32.71 33.41 -5.23
C PRO B 230 -33.59 34.25 -4.28
N GLN B 231 -34.74 33.71 -3.86
CA GLN B 231 -35.81 34.48 -3.14
C GLN B 231 -36.41 33.65 -2.00
N GLN B 232 -36.88 32.44 -2.29
CA GLN B 232 -37.46 31.51 -1.28
C GLN B 232 -36.30 30.87 -0.50
N SER B 233 -35.61 31.67 0.32
CA SER B 233 -34.33 31.33 1.01
C SER B 233 -34.34 29.92 1.63
N GLU B 234 -35.50 29.24 1.66
CA GLU B 234 -35.67 27.92 2.34
C GLU B 234 -35.52 26.75 1.36
N VAL B 235 -35.46 27.00 0.04
CA VAL B 235 -35.45 25.93 -1.01
C VAL B 235 -34.18 26.04 -1.86
N PHE B 236 -33.83 24.95 -2.54
CA PHE B 236 -32.69 24.85 -3.49
C PHE B 236 -32.95 23.71 -4.48
N VAL B 237 -32.07 23.58 -5.48
CA VAL B 237 -32.07 22.44 -6.45
C VAL B 237 -30.69 21.77 -6.40
N PHE B 238 -30.66 20.45 -6.66
CA PHE B 238 -29.43 19.65 -6.85
C PHE B 238 -29.62 18.76 -8.09
N GLY B 239 -28.64 18.76 -8.99
CA GLY B 239 -28.55 17.80 -10.11
C GLY B 239 -27.69 16.62 -9.71
N ASP B 240 -28.02 15.41 -10.19
CA ASP B 240 -27.25 14.18 -9.89
C ASP B 240 -26.48 13.74 -11.15
N GLU B 241 -25.62 12.73 -10.99
CA GLU B 241 -24.74 12.20 -12.07
C GLU B 241 -25.56 11.40 -13.09
N ASN B 242 -26.87 11.21 -12.84
CA ASN B 242 -27.79 10.48 -13.75
C ASN B 242 -28.60 11.45 -14.62
N GLY B 243 -28.32 12.75 -14.53
CA GLY B 243 -28.96 13.78 -15.37
C GLY B 243 -30.36 14.14 -14.88
N THR B 244 -30.61 14.01 -13.58
CA THR B 244 -31.91 14.29 -12.91
C THR B 244 -31.75 15.53 -12.01
N VAL B 245 -32.46 16.61 -12.32
CA VAL B 245 -32.52 17.84 -11.49
C VAL B 245 -33.67 17.66 -10.49
N SER B 246 -33.45 18.09 -9.24
CA SER B 246 -34.38 17.88 -8.10
C SER B 246 -34.55 19.18 -7.31
N LEU B 247 -35.81 19.63 -7.15
CA LEU B 247 -36.21 20.79 -6.32
C LEU B 247 -36.56 20.29 -4.91
N VAL B 248 -35.90 20.84 -3.90
CA VAL B 248 -35.97 20.37 -2.48
C VAL B 248 -36.31 21.54 -1.56
N ASP B 249 -37.08 21.27 -0.51
CA ASP B 249 -37.33 22.18 0.63
C ASP B 249 -36.51 21.66 1.83
N THR B 250 -35.73 22.51 2.50
CA THR B 250 -35.02 22.18 3.77
C THR B 250 -36.03 22.18 4.93
N LYS B 251 -36.94 23.16 4.92
CA LYS B 251 -38.09 23.28 5.85
C LYS B 251 -38.93 21.99 5.81
N SER B 252 -39.53 21.69 4.64
CA SER B 252 -40.30 20.46 4.36
C SER B 252 -39.38 19.23 4.42
N THR B 253 -38.07 19.44 4.18
CA THR B 253 -36.96 18.43 4.18
C THR B 253 -37.44 17.10 3.56
N SER B 254 -38.23 17.17 2.48
CA SER B 254 -38.78 16.00 1.76
C SER B 254 -38.93 16.36 0.27
N CYS B 255 -38.29 15.59 -0.61
CA CYS B 255 -38.07 15.91 -2.04
C CYS B 255 -39.42 16.03 -2.78
N VAL B 256 -39.97 17.25 -2.82
CA VAL B 256 -41.28 17.56 -3.45
C VAL B 256 -41.25 17.16 -4.94
N LEU B 257 -40.27 17.65 -5.72
CA LEU B 257 -40.29 17.57 -7.20
C LEU B 257 -38.93 17.20 -7.78
N SER B 258 -38.91 16.69 -9.02
CA SER B 258 -37.71 16.27 -9.80
C SER B 258 -38.10 15.97 -11.25
N SER B 259 -37.15 15.98 -12.18
CA SER B 259 -37.33 15.56 -13.59
C SER B 259 -36.01 15.06 -14.19
N ALA B 260 -36.10 14.04 -15.07
CA ALA B 260 -35.00 13.52 -15.90
C ALA B 260 -34.73 14.49 -17.05
N VAL B 261 -33.94 15.53 -16.79
CA VAL B 261 -33.65 16.64 -17.74
C VAL B 261 -32.59 16.17 -18.75
N HIS B 262 -31.50 15.57 -18.25
CA HIS B 262 -30.27 15.27 -19.03
C HIS B 262 -30.05 13.75 -19.12
N SER B 263 -29.33 13.32 -20.17
CA SER B 263 -28.93 11.92 -20.44
C SER B 263 -27.67 11.58 -19.64
N GLN B 264 -26.90 12.59 -19.23
CA GLN B 264 -25.64 12.43 -18.46
C GLN B 264 -25.58 13.45 -17.31
N CYS B 265 -24.50 13.37 -16.53
CA CYS B 265 -24.20 14.19 -15.32
C CYS B 265 -24.60 15.66 -15.52
N VAL B 266 -25.28 16.24 -14.52
CA VAL B 266 -25.64 17.68 -14.42
C VAL B 266 -24.50 18.41 -13.70
N THR B 267 -23.75 19.25 -14.42
CA THR B 267 -22.52 19.90 -13.88
C THR B 267 -22.83 21.28 -13.30
N GLY B 268 -23.96 21.90 -13.69
CA GLY B 268 -24.31 23.27 -13.29
C GLY B 268 -25.80 23.53 -13.32
N LEU B 269 -26.30 24.25 -12.30
CA LEU B 269 -27.68 24.79 -12.23
C LEU B 269 -27.58 26.29 -11.92
N VAL B 270 -28.23 27.14 -12.73
CA VAL B 270 -28.14 28.62 -12.62
C VAL B 270 -29.54 29.21 -12.77
N PHE B 271 -30.02 29.88 -11.71
CA PHE B 271 -31.34 30.56 -11.65
C PHE B 271 -31.21 31.93 -12.34
N SER B 272 -32.18 32.29 -13.18
CA SER B 272 -32.24 33.56 -13.94
C SER B 272 -32.51 34.73 -12.98
N PRO B 273 -32.27 35.99 -13.38
CA PRO B 273 -32.50 37.14 -12.51
C PRO B 273 -33.95 37.66 -12.45
N HIS B 274 -34.90 37.05 -13.18
CA HIS B 274 -36.33 37.43 -13.21
C HIS B 274 -36.91 37.33 -11.80
N SER B 275 -37.96 38.10 -11.48
CA SER B 275 -38.63 38.10 -10.16
C SER B 275 -39.28 36.73 -9.91
N VAL B 276 -39.85 36.12 -10.95
CA VAL B 276 -40.20 34.66 -11.00
C VAL B 276 -39.18 34.00 -11.92
N PRO B 277 -38.15 33.31 -11.38
CA PRO B 277 -36.95 33.00 -12.17
C PRO B 277 -37.03 31.67 -12.93
N PHE B 278 -36.17 31.54 -13.93
CA PHE B 278 -35.96 30.31 -14.75
C PHE B 278 -34.69 29.61 -14.27
N LEU B 279 -34.65 28.28 -14.43
CA LEU B 279 -33.48 27.45 -14.07
C LEU B 279 -32.79 26.95 -15.35
N ALA B 280 -31.59 27.45 -15.63
CA ALA B 280 -30.67 26.95 -16.68
C ALA B 280 -29.94 25.71 -16.14
N SER B 281 -29.87 24.65 -16.94
CA SER B 281 -29.30 23.32 -16.59
C SER B 281 -28.29 22.90 -17.66
N LEU B 282 -27.01 22.83 -17.29
CA LEU B 282 -25.87 22.52 -18.20
C LEU B 282 -25.20 21.22 -17.74
N SER B 283 -24.83 20.36 -18.70
CA SER B 283 -24.57 18.92 -18.50
C SER B 283 -23.39 18.45 -19.36
N GLU B 284 -22.99 17.18 -19.18
CA GLU B 284 -21.90 16.50 -19.94
C GLU B 284 -22.48 15.82 -21.19
N ASP B 285 -23.80 15.89 -21.39
CA ASP B 285 -24.45 15.43 -22.65
C ASP B 285 -24.45 16.59 -23.65
N CYS B 286 -23.68 17.65 -23.36
CA CYS B 286 -23.32 18.75 -24.30
C CYS B 286 -24.57 19.56 -24.65
N SER B 287 -25.59 19.52 -23.79
CA SER B 287 -26.89 20.19 -23.99
C SER B 287 -27.14 21.18 -22.84
N LEU B 288 -27.75 22.32 -23.17
CA LEU B 288 -28.30 23.31 -22.20
C LEU B 288 -29.83 23.14 -22.17
N ALA B 289 -30.42 23.15 -20.96
CA ALA B 289 -31.88 23.21 -20.75
C ALA B 289 -32.21 24.47 -19.94
N VAL B 290 -33.39 25.04 -20.16
CA VAL B 290 -33.97 26.12 -19.30
C VAL B 290 -35.37 25.67 -18.88
N LEU B 291 -35.66 25.77 -17.58
CA LEU B 291 -36.83 25.13 -16.91
C LEU B 291 -37.60 26.18 -16.10
N ASP B 292 -38.93 26.01 -15.98
CA ASP B 292 -39.81 26.84 -15.12
C ASP B 292 -39.67 26.36 -13.68
N SER B 293 -40.49 26.86 -12.76
CA SER B 293 -40.39 26.60 -11.30
C SER B 293 -40.88 25.19 -10.95
N SER B 294 -41.60 24.52 -11.87
CA SER B 294 -42.09 23.12 -11.73
C SER B 294 -41.23 22.15 -12.55
N LEU B 295 -40.08 22.62 -13.06
CA LEU B 295 -39.00 21.83 -13.73
C LEU B 295 -39.52 21.17 -15.02
N SER B 296 -40.48 21.79 -15.72
CA SER B 296 -40.85 21.44 -17.11
C SER B 296 -39.93 22.21 -18.07
N GLU B 297 -39.74 21.68 -19.29
CA GLU B 297 -38.71 22.15 -20.26
C GLU B 297 -39.27 23.28 -21.13
N LEU B 298 -38.56 24.41 -21.18
CA LEU B 298 -38.94 25.64 -21.92
C LEU B 298 -37.99 25.86 -23.10
N PHE B 299 -36.69 25.61 -22.93
CA PHE B 299 -35.63 25.76 -23.96
C PHE B 299 -34.64 24.58 -23.85
N ARG B 300 -33.92 24.32 -24.95
CA ARG B 300 -32.83 23.30 -25.04
C ARG B 300 -31.96 23.63 -26.24
N SER B 301 -30.64 23.41 -26.15
CA SER B 301 -29.66 23.81 -27.18
C SER B 301 -28.56 22.75 -27.33
N GLN B 302 -28.33 22.31 -28.57
CA GLN B 302 -27.25 21.35 -28.97
C GLN B 302 -26.02 22.13 -29.46
N ALA B 303 -26.13 23.47 -29.56
CA ALA B 303 -25.13 24.36 -30.21
C ALA B 303 -23.72 24.00 -29.75
N HIS B 304 -23.55 23.55 -28.50
CA HIS B 304 -22.29 23.01 -27.95
C HIS B 304 -22.08 21.56 -28.43
N ARG B 305 -20.86 21.23 -28.87
CA ARG B 305 -20.51 19.89 -29.40
C ARG B 305 -19.36 19.28 -28.57
N ASP B 306 -18.94 19.95 -27.47
CA ASP B 306 -18.22 19.33 -26.32
C ASP B 306 -19.04 19.61 -25.05
N PHE B 307 -18.49 19.38 -23.85
CA PHE B 307 -19.21 19.56 -22.55
C PHE B 307 -19.56 21.03 -22.31
N VAL B 308 -20.73 21.27 -21.71
CA VAL B 308 -21.23 22.61 -21.28
C VAL B 308 -20.77 22.82 -19.84
N ARG B 309 -20.00 23.88 -19.59
CA ARG B 309 -19.16 24.03 -18.37
C ARG B 309 -19.70 25.11 -17.42
N ASP B 310 -20.46 26.08 -17.93
CA ASP B 310 -21.07 27.14 -17.09
C ASP B 310 -22.24 27.81 -17.82
N ALA B 311 -22.91 28.72 -17.13
CA ALA B 311 -23.83 29.73 -17.71
C ALA B 311 -23.95 30.93 -16.76
N THR B 312 -24.09 32.13 -17.31
CA THR B 312 -24.63 33.33 -16.61
C THR B 312 -25.61 34.05 -17.53
N TRP B 313 -26.72 34.53 -16.95
CA TRP B 313 -27.75 35.36 -17.62
C TRP B 313 -27.26 36.81 -17.71
N SER B 314 -27.60 37.50 -18.79
CA SER B 314 -27.29 38.95 -18.98
C SER B 314 -28.09 39.77 -17.97
N PRO B 315 -27.42 40.66 -17.20
CA PRO B 315 -28.12 41.59 -16.31
C PRO B 315 -28.89 42.65 -17.11
N LEU B 316 -28.42 42.93 -18.33
CA LEU B 316 -28.93 44.00 -19.23
C LEU B 316 -30.16 43.47 -19.98
N ASN B 317 -30.04 42.30 -20.63
CA ASN B 317 -31.16 41.58 -21.29
C ASN B 317 -31.46 40.30 -20.48
N HIS B 318 -32.57 40.29 -19.74
CA HIS B 318 -32.96 39.19 -18.81
C HIS B 318 -33.39 37.94 -19.60
N SER B 319 -33.64 38.05 -20.91
CA SER B 319 -34.01 36.91 -21.80
C SER B 319 -32.82 36.47 -22.67
N LEU B 320 -31.64 37.07 -22.48
CA LEU B 320 -30.36 36.58 -23.05
C LEU B 320 -29.65 35.69 -22.03
N LEU B 321 -29.10 34.56 -22.48
CA LEU B 321 -28.32 33.60 -21.66
C LEU B 321 -27.03 33.24 -22.39
N THR B 322 -25.92 33.16 -21.66
CA THR B 322 -24.56 32.86 -22.20
C THR B 322 -24.05 31.55 -21.60
N THR B 323 -23.60 30.63 -22.45
CA THR B 323 -23.02 29.30 -22.10
C THR B 323 -21.61 29.20 -22.69
N VAL B 324 -20.72 28.46 -22.04
CA VAL B 324 -19.37 28.13 -22.58
C VAL B 324 -19.15 26.62 -22.48
N GLY B 325 -18.42 26.06 -23.45
CA GLY B 325 -18.15 24.61 -23.57
C GLY B 325 -16.66 24.33 -23.55
N TRP B 326 -16.28 23.06 -23.60
CA TRP B 326 -14.88 22.60 -23.79
C TRP B 326 -14.53 22.64 -25.29
N ASP B 327 -15.54 22.93 -26.14
CA ASP B 327 -15.39 23.14 -27.60
C ASP B 327 -14.97 24.59 -27.90
N HIS B 328 -14.52 25.35 -26.89
CA HIS B 328 -14.01 26.74 -27.01
C HIS B 328 -15.07 27.66 -27.62
N GLN B 329 -16.34 27.27 -27.59
CA GLN B 329 -17.48 28.08 -28.06
C GLN B 329 -17.98 28.96 -26.91
N VAL B 330 -18.28 30.23 -27.19
CA VAL B 330 -19.13 31.11 -26.32
C VAL B 330 -20.44 31.36 -27.08
N VAL B 331 -21.48 30.59 -26.78
CA VAL B 331 -22.84 30.76 -27.38
C VAL B 331 -23.65 31.72 -26.50
N HIS B 332 -24.43 32.58 -27.14
CA HIS B 332 -25.46 33.47 -26.51
C HIS B 332 -26.84 33.03 -27.01
N HIS B 333 -27.80 32.79 -26.10
CA HIS B 333 -29.13 32.20 -26.40
C HIS B 333 -30.22 33.25 -26.16
N VAL B 334 -31.25 33.28 -27.02
CA VAL B 334 -32.50 34.05 -26.80
C VAL B 334 -33.55 33.08 -26.22
N VAL B 335 -33.76 33.17 -24.90
CA VAL B 335 -34.66 32.27 -24.11
C VAL B 335 -36.07 32.85 -24.17
N PRO B 336 -37.05 32.15 -24.77
CA PRO B 336 -38.46 32.54 -24.64
C PRO B 336 -38.99 32.32 -23.22
#